data_7T09
#
_entry.id   7T09
#
_cell.length_a   141.915
_cell.length_b   141.915
_cell.length_c   130.226
_cell.angle_alpha   90.000
_cell.angle_beta   90.000
_cell.angle_gamma   90.000
#
_symmetry.space_group_name_H-M   'P 43 21 2'
#
loop_
_entity.id
_entity.type
_entity.pdbx_description
1 polymer 'Protein farnesyltransferase/geranylgeranyltransferase type-1 subunit alpha'
2 polymer 'Protein farnesyltransferase subunit beta'
3 non-polymer 1,2-ETHANEDIOL
4 non-polymer 'ZINC ION'
5 non-polymer '(2R)-3-(cyclohexylamino)-2-hydroxypropane-1-sulfonic acid'
6 non-polymer 4-{[5-({(2S)-2-butyl-5-oxo-4-[3-(trifluoromethoxy)phenyl]piperazin-1-yl}methyl)-1H-imidazol-1-yl]methyl}benzonitrile
7 non-polymer 'FARNESYL DIPHOSPHATE'
8 water water
#
loop_
_entity_poly.entity_id
_entity_poly.type
_entity_poly.pdbx_seq_one_letter_code
_entity_poly.pdbx_strand_id
1 'polypeptide(L)'
;MGSSHHHHHHSQDLMVTSTYIPMSQRRSWADVKPIMQDDGPNPVVPIMYSEEYKDAMDYFRAIAAKEEKSERALELTEII
VRMNPAHYTVWQYRFSLLTSLNKSLEDELRLMNEFAVQNLKSYQVWHHRLLLLDRISPQDPVSEIEYIHGSLLPDPKNYH
TWAYLHWLYSHFSTLGRISEAQWGSELDWCNEMLRVDGRNNSAWGWRWYLRVSRPGAETSSRSLQDELIYILKSIHLIPH
NVSAWNYLRGFLKHFSLPLVPILPAILPYTASKLNPDIETVEAFGFPMPSDPLPEDTPLPVPLALEYLADSFIEQNRVDD
AAKVFEKLSSEYDQMRAGYWEFRRRECAE
;
A
2 'polypeptide(L)'
;MATEFTPSVYSLVSKPLPSNSRPSATLDEQAETEDLISQLFDLTADPNALVSEHGKRYSGLRKQEHTQFLASSFFQLPGK
FVSLDASRPWLVFWTVHSLDLLGVALDQGTKDRVVSTLLHFLSPKGGFGGGPANSQIPHLLPTYASVCSLAIAGNDSSTG
GWKDLAAARQSIYEFFMRCKRPDGGFVVCEGGEVDVRGTYCLLVVATLLDIITPELLHNVDKFVSACQTYEGGFACASFP
FPSVVPSTSAFPTSEPSCRVSMAEAHGGYTSCSLNSHFLLTSVPLPSFPLSIDANAALRWTVLQQGEPIEGGGFRGRTNK
LVDGCYSWWVGGGAPVAEELVRREKSRKVKKSRIEVFEEEKEGDWEDVPPIPPIFNRVALQEFTLVAAQQDPGSTGGLRD
KPGKRPDQYHTCNNLSGLSIAQHKMSHSPSTVSSNRLKFDASKGLPAVKPVAPGGGWKNEDERQNARREIWANALGWIEE
EGGEIIVGGKDNRINTTTPVFNILGLRLKPFINYFYCQEN
;
B
#
loop_
_chem_comp.id
_chem_comp.type
_chem_comp.name
_chem_comp.formula
3FX non-polymer '(2R)-3-(cyclohexylamino)-2-hydroxypropane-1-sulfonic acid' 'C9 H19 N O4 S'
EDO non-polymer 1,2-ETHANEDIOL 'C2 H6 O2'
FPP non-polymer 'FARNESYL DIPHOSPHATE' 'C15 H28 O7 P2'
XMV non-polymer 4-{[5-({(2S)-2-butyl-5-oxo-4-[3-(trifluoromethoxy)phenyl]piperazin-1-yl}methyl)-1H-imidazol-1-yl]methyl}benzonitrile 'C27 H28 F3 N5 O2'
ZN non-polymer 'ZINC ION' 'Zn 2'
#
# COMPACT_ATOMS: atom_id res chain seq x y z
N THR A 19 -28.34 -4.04 32.79
CA THR A 19 -27.09 -3.43 33.25
C THR A 19 -25.95 -4.46 33.19
N TYR A 20 -24.71 -3.98 33.22
CA TYR A 20 -23.56 -4.85 33.02
C TYR A 20 -23.16 -5.54 34.31
N ILE A 21 -22.97 -6.86 34.24
CA ILE A 21 -22.47 -7.64 35.38
C ILE A 21 -20.97 -7.82 35.18
N PRO A 22 -20.13 -7.24 36.03
CA PRO A 22 -18.68 -7.44 35.88
C PRO A 22 -18.31 -8.91 36.03
N MET A 23 -17.17 -9.28 35.42
CA MET A 23 -16.74 -10.66 35.45
C MET A 23 -16.25 -11.07 36.84
N SER A 24 -15.79 -10.12 37.66
CA SER A 24 -15.42 -10.43 39.04
C SER A 24 -16.62 -10.92 39.85
N GLN A 25 -17.83 -10.67 39.40
CA GLN A 25 -19.03 -11.10 40.10
C GLN A 25 -19.67 -12.33 39.47
N ARG A 26 -18.98 -12.99 38.53
CA ARG A 26 -19.52 -14.15 37.82
C ARG A 26 -18.93 -15.44 38.40
N ARG A 27 -19.83 -16.37 38.74
CA ARG A 27 -19.44 -17.65 39.31
C ARG A 27 -18.49 -18.43 38.40
N SER A 28 -18.77 -18.43 37.09
CA SER A 28 -17.93 -19.14 36.11
C SER A 28 -16.49 -18.62 36.06
N TRP A 29 -16.20 -17.45 36.64
CA TRP A 29 -14.89 -16.83 36.50
C TRP A 29 -14.23 -16.54 37.84
N ALA A 30 -14.78 -17.07 38.95
CA ALA A 30 -14.32 -16.69 40.28
C ALA A 30 -12.89 -17.14 40.54
N ASP A 31 -12.43 -18.20 39.86
CA ASP A 31 -11.09 -18.72 40.08
C ASP A 31 -10.01 -17.92 39.34
N VAL A 32 -10.39 -16.97 38.50
CA VAL A 32 -9.43 -16.27 37.64
C VAL A 32 -9.13 -14.90 38.24
N LYS A 33 -7.84 -14.63 38.42
CA LYS A 33 -7.37 -13.33 38.87
C LYS A 33 -7.04 -12.45 37.67
N PRO A 34 -7.80 -11.39 37.39
CA PRO A 34 -7.53 -10.58 36.20
C PRO A 34 -6.18 -9.87 36.29
N ILE A 35 -5.61 -9.57 35.12
CA ILE A 35 -4.30 -8.91 35.01
C ILE A 35 -4.50 -7.61 34.26
N MET A 36 -4.06 -6.50 34.88
CA MET A 36 -4.24 -5.18 34.29
C MET A 36 -3.27 -4.95 33.13
N GLN A 37 -3.68 -4.10 32.21
CA GLN A 37 -2.83 -3.68 31.10
C GLN A 37 -1.57 -2.97 31.61
N ASP A 38 -0.40 -3.40 31.12
CA ASP A 38 0.88 -2.86 31.59
C ASP A 38 1.43 -1.81 30.64
N ASP A 39 0.86 -0.60 30.75
CA ASP A 39 1.21 0.56 29.93
C ASP A 39 2.42 1.32 30.43
N GLY A 40 2.78 1.16 31.69
CA GLY A 40 3.65 2.10 32.32
C GLY A 40 2.84 3.20 32.98
N PRO A 41 3.53 4.17 33.59
CA PRO A 41 2.83 5.14 34.46
C PRO A 41 1.94 6.13 33.71
N ASN A 42 2.41 6.74 32.62
CA ASN A 42 1.68 7.83 31.95
C ASN A 42 1.77 7.69 30.43
N PRO A 43 1.11 6.68 29.85
CA PRO A 43 1.29 6.40 28.42
C PRO A 43 0.70 7.48 27.53
N VAL A 44 1.30 7.65 26.35
CA VAL A 44 0.68 8.44 25.28
C VAL A 44 -0.33 7.57 24.51
N VAL A 45 -1.11 8.21 23.66
CA VAL A 45 -2.30 7.69 22.98
C VAL A 45 -3.09 6.69 23.83
N PRO A 46 -3.43 7.00 25.08
CA PRO A 46 -4.33 6.10 25.81
C PRO A 46 -5.74 6.20 25.26
N ILE A 47 -6.44 5.07 25.23
CA ILE A 47 -7.82 4.99 24.77
C ILE A 47 -8.73 4.84 25.98
N MET A 48 -9.82 5.61 26.01
CA MET A 48 -10.80 5.53 27.10
C MET A 48 -11.72 4.35 26.82
N TYR A 49 -11.33 3.17 27.30
CA TYR A 49 -12.07 1.95 27.01
C TYR A 49 -13.41 1.92 27.73
N SER A 50 -14.42 1.36 27.06
CA SER A 50 -15.66 1.01 27.74
C SER A 50 -15.37 0.04 28.89
N GLU A 51 -16.30 0.00 29.86
CA GLU A 51 -16.17 -0.93 30.97
C GLU A 51 -16.15 -2.38 30.48
N GLU A 52 -16.98 -2.70 29.49
CA GLU A 52 -17.05 -4.06 28.97
C GLU A 52 -15.73 -4.48 28.32
N TYR A 53 -15.12 -3.59 27.54
CA TYR A 53 -13.88 -3.94 26.84
C TYR A 53 -12.72 -4.10 27.80
N LYS A 54 -12.59 -3.16 28.76
CA LYS A 54 -11.49 -3.26 29.72
C LYS A 54 -11.61 -4.53 30.56
N ASP A 55 -12.83 -4.85 31.00
CA ASP A 55 -13.05 -6.04 31.81
C ASP A 55 -12.70 -7.30 31.02
N ALA A 56 -13.15 -7.38 29.77
CA ALA A 56 -12.85 -8.56 28.95
C ALA A 56 -11.35 -8.71 28.72
N MET A 57 -10.64 -7.61 28.43
CA MET A 57 -9.20 -7.69 28.20
C MET A 57 -8.44 -8.03 29.49
N ASP A 58 -8.92 -7.53 30.65
CA ASP A 58 -8.32 -7.90 31.94
C ASP A 58 -8.35 -9.41 32.14
N TYR A 59 -9.45 -10.05 31.79
CA TYR A 59 -9.52 -11.49 31.95
C TYR A 59 -8.83 -12.23 30.80
N PHE A 60 -8.82 -11.67 29.59
CA PHE A 60 -8.06 -12.29 28.51
C PHE A 60 -6.58 -12.35 28.84
N ARG A 61 -6.03 -11.25 29.38
CA ARG A 61 -4.63 -11.24 29.79
C ARG A 61 -4.32 -12.38 30.76
N ALA A 62 -5.22 -12.66 31.70
CA ALA A 62 -5.03 -13.76 32.62
C ALA A 62 -5.16 -15.11 31.92
N ILE A 63 -6.17 -15.24 31.05
CA ILE A 63 -6.35 -16.49 30.31
C ILE A 63 -5.13 -16.80 29.46
N ALA A 64 -4.65 -15.81 28.69
CA ALA A 64 -3.52 -16.04 27.80
C ALA A 64 -2.23 -16.24 28.56
N ALA A 65 -2.11 -15.64 29.76
CA ALA A 65 -0.92 -15.85 30.57
C ALA A 65 -0.82 -17.30 31.03
N LYS A 66 -1.91 -17.86 31.56
CA LYS A 66 -1.91 -19.27 31.95
C LYS A 66 -2.09 -20.22 30.77
N GLU A 67 -2.26 -19.71 29.54
CA GLU A 67 -2.41 -20.53 28.33
C GLU A 67 -3.59 -21.50 28.44
N GLU A 68 -4.69 -21.05 29.04
CA GLU A 68 -5.87 -21.88 29.16
C GLU A 68 -6.58 -22.00 27.81
N LYS A 69 -6.89 -23.25 27.41
CA LYS A 69 -7.63 -23.53 26.19
C LYS A 69 -8.96 -24.14 26.61
N SER A 70 -10.01 -23.33 26.63
CA SER A 70 -11.28 -23.76 27.20
C SER A 70 -12.43 -23.09 26.46
N GLU A 71 -13.65 -23.58 26.74
CA GLU A 71 -14.85 -22.99 26.16
C GLU A 71 -15.09 -21.57 26.67
N ARG A 72 -14.81 -21.30 27.95
CA ARG A 72 -15.01 -19.94 28.42
C ARG A 72 -14.01 -18.99 27.77
N ALA A 73 -12.77 -19.46 27.52
CA ALA A 73 -11.81 -18.66 26.76
C ALA A 73 -12.31 -18.41 25.35
N LEU A 74 -12.94 -19.40 24.75
CA LEU A 74 -13.48 -19.24 23.40
C LEU A 74 -14.57 -18.17 23.39
N GLU A 75 -15.55 -18.29 24.28
CA GLU A 75 -16.59 -17.26 24.41
C GLU A 75 -15.98 -15.88 24.63
N LEU A 76 -14.92 -15.81 25.43
CA LEU A 76 -14.33 -14.50 25.73
C LEU A 76 -13.72 -13.87 24.48
N THR A 77 -13.06 -14.68 23.64
CA THR A 77 -12.44 -14.10 22.44
C THR A 77 -13.50 -13.54 21.50
N GLU A 78 -14.67 -14.20 21.40
CA GLU A 78 -15.73 -13.69 20.54
C GLU A 78 -16.25 -12.35 21.03
N ILE A 79 -16.42 -12.22 22.34
CA ILE A 79 -16.83 -10.95 22.92
C ILE A 79 -15.85 -9.84 22.55
N ILE A 80 -14.56 -10.15 22.56
CA ILE A 80 -13.55 -9.11 22.33
C ILE A 80 -13.49 -8.73 20.85
N VAL A 81 -13.46 -9.73 19.94
CA VAL A 81 -13.37 -9.35 18.52
C VAL A 81 -14.67 -8.71 18.02
N ARG A 82 -15.79 -8.87 18.71
CA ARG A 82 -16.99 -8.13 18.32
C ARG A 82 -16.84 -6.65 18.62
N MET A 83 -16.10 -6.30 19.69
CA MET A 83 -15.83 -4.91 20.01
C MET A 83 -14.66 -4.34 19.22
N ASN A 84 -13.65 -5.16 18.91
CA ASN A 84 -12.50 -4.74 18.12
C ASN A 84 -12.16 -5.85 17.13
N PRO A 85 -12.72 -5.82 15.93
CA PRO A 85 -12.46 -6.89 14.95
C PRO A 85 -11.04 -6.89 14.40
N ALA A 86 -10.22 -5.86 14.63
CA ALA A 86 -8.85 -5.85 14.15
C ALA A 86 -7.84 -6.31 15.20
N HIS A 87 -8.30 -6.94 16.28
CA HIS A 87 -7.43 -7.35 17.41
C HIS A 87 -6.72 -8.67 17.06
N TYR A 88 -5.57 -8.57 16.38
CA TYR A 88 -4.95 -9.76 15.80
C TYR A 88 -4.51 -10.77 16.87
N THR A 89 -4.06 -10.29 18.04
CA THR A 89 -3.66 -11.20 19.11
C THR A 89 -4.80 -12.11 19.54
N VAL A 90 -6.00 -11.54 19.69
CA VAL A 90 -7.15 -12.33 20.14
C VAL A 90 -7.65 -13.26 19.04
N TRP A 91 -7.55 -12.85 17.77
CA TRP A 91 -7.85 -13.78 16.67
C TRP A 91 -6.86 -14.94 16.65
N GLN A 92 -5.58 -14.66 16.90
CA GLN A 92 -4.58 -15.74 16.93
C GLN A 92 -4.91 -16.73 18.04
N TYR A 93 -5.30 -16.23 19.22
CA TYR A 93 -5.67 -17.11 20.31
C TYR A 93 -6.95 -17.85 19.99
N ARG A 94 -7.90 -17.19 19.33
CA ARG A 94 -9.15 -17.86 18.96
C ARG A 94 -8.89 -19.05 18.04
N PHE A 95 -8.02 -18.88 17.03
CA PHE A 95 -7.77 -20.00 16.12
C PHE A 95 -7.10 -21.17 16.84
N SER A 96 -6.17 -20.88 17.76
CA SER A 96 -5.55 -21.97 18.48
C SER A 96 -6.54 -22.65 19.42
N LEU A 97 -7.55 -21.92 19.91
CA LEU A 97 -8.62 -22.54 20.68
C LEU A 97 -9.43 -23.50 19.82
N LEU A 98 -9.76 -23.09 18.59
CA LEU A 98 -10.58 -23.93 17.72
C LEU A 98 -9.89 -25.26 17.41
N THR A 99 -8.59 -25.21 17.09
CA THR A 99 -7.89 -26.43 16.75
C THR A 99 -7.60 -27.26 17.99
N SER A 100 -7.31 -26.61 19.12
CA SER A 100 -7.01 -27.34 20.35
C SER A 100 -8.26 -28.06 20.90
N LEU A 101 -9.42 -27.43 20.81
CA LEU A 101 -10.65 -28.06 21.29
C LEU A 101 -11.33 -28.91 20.23
N ASN A 102 -10.79 -28.99 19.02
CA ASN A 102 -11.43 -29.72 17.91
C ASN A 102 -12.87 -29.22 17.73
N LYS A 103 -13.02 -27.90 17.62
CA LYS A 103 -14.33 -27.31 17.41
C LYS A 103 -14.76 -27.46 15.96
N SER A 104 -16.08 -27.38 15.73
CA SER A 104 -16.63 -27.44 14.38
C SER A 104 -16.18 -26.23 13.58
N LEU A 105 -15.31 -26.44 12.60
CA LEU A 105 -14.86 -25.32 11.80
C LEU A 105 -15.96 -24.83 10.85
N GLU A 106 -16.94 -25.68 10.53
CA GLU A 106 -18.06 -25.21 9.71
C GLU A 106 -18.95 -24.24 10.49
N ASP A 107 -19.15 -24.48 11.79
CA ASP A 107 -19.88 -23.53 12.62
C ASP A 107 -19.14 -22.20 12.69
N GLU A 108 -17.82 -22.24 12.87
CA GLU A 108 -17.05 -21.00 12.87
C GLU A 108 -17.22 -20.28 11.54
N LEU A 109 -17.26 -21.02 10.43
CA LEU A 109 -17.41 -20.38 9.14
C LEU A 109 -18.76 -19.65 9.05
N ARG A 110 -19.82 -20.27 9.58
CA ARG A 110 -21.11 -19.58 9.67
C ARG A 110 -21.03 -18.34 10.55
N LEU A 111 -20.24 -18.39 11.63
CA LEU A 111 -20.09 -17.19 12.46
C LEU A 111 -19.41 -16.08 11.67
N MET A 112 -18.44 -16.41 10.81
CA MET A 112 -17.82 -15.38 9.98
C MET A 112 -18.79 -14.79 8.97
N ASN A 113 -19.72 -15.58 8.47
CA ASN A 113 -20.76 -15.04 7.60
C ASN A 113 -21.61 -14.01 8.33
N GLU A 114 -21.91 -14.27 9.61
CA GLU A 114 -22.69 -13.32 10.38
C GLU A 114 -21.92 -12.04 10.62
N PHE A 115 -20.60 -12.15 10.87
CA PHE A 115 -19.76 -10.96 11.05
C PHE A 115 -19.88 -10.02 9.85
N ALA A 116 -19.79 -10.57 8.64
CA ALA A 116 -19.93 -9.75 7.43
C ALA A 116 -21.28 -9.05 7.39
N VAL A 117 -22.35 -9.79 7.69
CA VAL A 117 -23.69 -9.23 7.75
C VAL A 117 -23.75 -8.08 8.75
N GLN A 118 -23.04 -8.20 9.87
CA GLN A 118 -23.04 -7.20 10.93
C GLN A 118 -21.96 -6.13 10.73
N ASN A 119 -21.28 -6.13 9.58
CA ASN A 119 -20.24 -5.14 9.25
C ASN A 119 -19.09 -5.16 10.25
N LEU A 120 -18.75 -6.33 10.76
CA LEU A 120 -17.53 -6.54 11.53
C LEU A 120 -16.48 -7.06 10.55
N LYS A 121 -15.50 -6.23 10.24
CA LYS A 121 -14.61 -6.51 9.11
C LYS A 121 -13.21 -5.97 9.42
N SER A 122 -12.20 -6.65 8.88
CA SER A 122 -10.79 -6.33 9.05
C SER A 122 -9.98 -7.31 8.20
N TYR A 123 -8.68 -7.00 8.04
CA TYR A 123 -7.74 -8.01 7.55
C TYR A 123 -7.83 -9.28 8.38
N GLN A 124 -8.01 -9.15 9.70
CA GLN A 124 -7.89 -10.32 10.58
C GLN A 124 -9.06 -11.29 10.38
N VAL A 125 -10.25 -10.76 10.12
CA VAL A 125 -11.41 -11.59 9.84
C VAL A 125 -11.20 -12.36 8.54
N TRP A 126 -10.74 -11.67 7.49
CA TRP A 126 -10.49 -12.34 6.21
C TRP A 126 -9.40 -13.39 6.33
N HIS A 127 -8.34 -13.10 7.09
CA HIS A 127 -7.29 -14.10 7.27
C HIS A 127 -7.79 -15.29 8.08
N HIS A 128 -8.58 -15.03 9.12
CA HIS A 128 -9.21 -16.11 9.87
C HIS A 128 -10.03 -17.01 8.94
N ARG A 129 -10.79 -16.41 8.03
CA ARG A 129 -11.57 -17.22 7.07
C ARG A 129 -10.65 -18.09 6.21
N LEU A 130 -9.50 -17.54 5.78
CA LEU A 130 -8.56 -18.30 4.97
C LEU A 130 -8.01 -19.49 5.76
N LEU A 131 -7.60 -19.27 7.01
CA LEU A 131 -7.09 -20.37 7.82
C LEU A 131 -8.13 -21.46 8.02
N LEU A 132 -9.41 -21.09 8.12
CA LEU A 132 -10.47 -22.09 8.26
C LEU A 132 -10.57 -22.95 7.02
N LEU A 133 -10.65 -22.32 5.84
CA LEU A 133 -10.74 -23.07 4.58
C LEU A 133 -9.51 -23.96 4.38
N ASP A 134 -8.34 -23.43 4.68
CA ASP A 134 -7.11 -24.22 4.57
C ASP A 134 -7.18 -25.45 5.48
N ARG A 135 -7.67 -25.29 6.72
CA ARG A 135 -7.70 -26.43 7.64
C ARG A 135 -8.87 -27.39 7.32
N ILE A 136 -10.07 -26.87 7.04
CA ILE A 136 -11.15 -27.76 6.59
C ILE A 136 -10.70 -28.55 5.37
N SER A 137 -10.03 -27.87 4.43
CA SER A 137 -9.56 -28.48 3.19
C SER A 137 -10.68 -29.24 2.48
N PRO A 138 -11.75 -28.56 2.06
CA PRO A 138 -12.87 -29.26 1.43
C PRO A 138 -12.44 -29.93 0.13
N GLN A 139 -13.01 -31.11 -0.10
CA GLN A 139 -12.84 -31.81 -1.37
C GLN A 139 -13.34 -30.96 -2.55
N ASP A 140 -14.41 -30.20 -2.35
CA ASP A 140 -14.92 -29.29 -3.38
C ASP A 140 -15.28 -27.96 -2.74
N PRO A 141 -14.62 -26.84 -3.11
CA PRO A 141 -14.89 -25.57 -2.45
C PRO A 141 -16.05 -24.78 -3.07
N VAL A 142 -16.92 -25.45 -3.84
CA VAL A 142 -17.90 -24.73 -4.67
C VAL A 142 -18.80 -23.85 -3.82
N SER A 143 -19.18 -24.30 -2.62
CA SER A 143 -20.14 -23.52 -1.88
C SER A 143 -19.49 -22.31 -1.22
N GLU A 144 -18.18 -22.36 -0.96
CA GLU A 144 -17.47 -21.17 -0.50
C GLU A 144 -17.29 -20.17 -1.64
N ILE A 145 -16.98 -20.67 -2.84
CA ILE A 145 -16.92 -19.80 -4.02
C ILE A 145 -18.24 -19.06 -4.21
N GLU A 146 -19.36 -19.78 -4.09
CA GLU A 146 -20.66 -19.14 -4.30
C GLU A 146 -20.97 -18.15 -3.20
N TYR A 147 -20.57 -18.44 -1.96
CA TYR A 147 -20.76 -17.45 -0.91
C TYR A 147 -19.97 -16.17 -1.22
N ILE A 148 -18.71 -16.32 -1.63
CA ILE A 148 -17.89 -15.14 -1.91
C ILE A 148 -18.52 -14.30 -3.02
N HIS A 149 -19.05 -14.95 -4.06
CA HIS A 149 -19.74 -14.22 -5.12
C HIS A 149 -20.88 -13.37 -4.56
N GLY A 150 -21.76 -14.00 -3.76
CA GLY A 150 -22.89 -13.25 -3.21
C GLY A 150 -22.45 -12.13 -2.27
N SER A 151 -21.36 -12.34 -1.54
CA SER A 151 -20.92 -11.38 -0.55
C SER A 151 -20.48 -10.06 -1.18
N LEU A 152 -20.14 -10.07 -2.47
CA LEU A 152 -19.72 -8.87 -3.17
C LEU A 152 -20.84 -7.88 -3.46
N LEU A 153 -22.11 -8.23 -3.23
CA LEU A 153 -23.21 -7.33 -3.58
C LEU A 153 -23.14 -5.97 -2.90
N PRO A 154 -22.93 -5.87 -1.58
CA PRO A 154 -22.83 -4.53 -0.98
C PRO A 154 -21.58 -3.74 -1.38
N ASP A 155 -20.47 -4.39 -1.73
CA ASP A 155 -19.27 -3.69 -2.21
C ASP A 155 -18.57 -4.54 -3.26
N PRO A 156 -18.89 -4.31 -4.54
CA PRO A 156 -18.32 -5.14 -5.62
C PRO A 156 -16.83 -4.93 -5.85
N LYS A 157 -16.17 -4.02 -5.12
CA LYS A 157 -14.75 -3.75 -5.29
C LYS A 157 -13.94 -4.02 -4.03
N ASN A 158 -14.53 -4.65 -3.01
CA ASN A 158 -13.84 -4.96 -1.77
C ASN A 158 -12.55 -5.70 -2.05
N TYR A 159 -11.42 -5.06 -1.72
CA TYR A 159 -10.12 -5.57 -2.12
C TYR A 159 -9.81 -6.90 -1.44
N HIS A 160 -10.12 -7.00 -0.14
CA HIS A 160 -9.91 -8.26 0.58
C HIS A 160 -10.67 -9.41 -0.08
N THR A 161 -11.90 -9.15 -0.55
CA THR A 161 -12.70 -10.22 -1.12
C THR A 161 -12.07 -10.72 -2.40
N TRP A 162 -11.64 -9.80 -3.27
CA TRP A 162 -11.03 -10.21 -4.54
C TRP A 162 -9.71 -10.95 -4.32
N ALA A 163 -8.90 -10.50 -3.34
CA ALA A 163 -7.65 -11.21 -3.06
C ALA A 163 -7.91 -12.60 -2.49
N TYR A 164 -8.91 -12.71 -1.60
CA TYR A 164 -9.30 -14.02 -1.08
C TYR A 164 -9.78 -14.94 -2.20
N LEU A 165 -10.58 -14.42 -3.15
CA LEU A 165 -11.07 -15.25 -4.26
C LEU A 165 -9.90 -15.81 -5.09
N HIS A 166 -8.93 -14.95 -5.41
CA HIS A 166 -7.68 -15.39 -6.04
C HIS A 166 -7.00 -16.49 -5.24
N TRP A 167 -6.86 -16.29 -3.91
CA TRP A 167 -6.21 -17.30 -3.09
C TRP A 167 -6.98 -18.62 -3.14
N LEU A 168 -8.31 -18.54 -3.05
CA LEU A 168 -9.14 -19.74 -3.01
C LEU A 168 -8.93 -20.61 -4.25
N TYR A 169 -9.03 -20.01 -5.44
CA TYR A 169 -8.85 -20.76 -6.68
C TYR A 169 -7.42 -21.26 -6.83
N SER A 170 -6.44 -20.48 -6.37
CA SER A 170 -5.03 -20.86 -6.53
C SER A 170 -4.65 -22.00 -5.59
N HIS A 171 -5.06 -21.90 -4.33
CA HIS A 171 -4.79 -22.95 -3.35
C HIS A 171 -5.47 -24.26 -3.74
N PHE A 172 -6.76 -24.22 -4.06
CA PHE A 172 -7.45 -25.47 -4.36
C PHE A 172 -7.16 -25.99 -5.76
N SER A 173 -6.71 -25.14 -6.69
CA SER A 173 -6.24 -25.70 -7.97
C SER A 173 -4.91 -26.40 -7.79
N THR A 174 -4.07 -25.92 -6.86
CA THR A 174 -2.82 -26.60 -6.57
C THR A 174 -3.06 -28.03 -6.07
N LEU A 175 -4.13 -28.24 -5.32
CA LEU A 175 -4.50 -29.57 -4.83
C LEU A 175 -5.24 -30.38 -5.90
N GLY A 176 -5.45 -29.82 -7.08
CA GLY A 176 -6.12 -30.50 -8.17
C GLY A 176 -7.64 -30.53 -8.07
N ARG A 177 -8.25 -29.62 -7.30
CA ARG A 177 -9.66 -29.73 -6.96
C ARG A 177 -10.55 -28.71 -7.69
N ILE A 178 -10.05 -28.01 -8.69
CA ILE A 178 -10.86 -27.11 -9.52
C ILE A 178 -11.04 -27.76 -10.89
N SER A 179 -12.26 -28.18 -11.20
CA SER A 179 -12.57 -28.86 -12.45
C SER A 179 -12.75 -27.84 -13.59
N GLU A 180 -12.79 -28.35 -14.82
CA GLU A 180 -12.98 -27.47 -15.98
C GLU A 180 -14.35 -26.82 -15.97
N ALA A 181 -15.39 -27.53 -15.51
CA ALA A 181 -16.70 -26.92 -15.41
C ALA A 181 -16.70 -25.75 -14.43
N GLN A 182 -15.92 -25.85 -13.34
CA GLN A 182 -15.85 -24.77 -12.37
C GLN A 182 -15.13 -23.54 -12.94
N TRP A 183 -14.02 -23.74 -13.67
CA TRP A 183 -13.37 -22.59 -14.33
C TRP A 183 -14.31 -21.93 -15.34
N GLY A 184 -15.12 -22.72 -16.04
CA GLY A 184 -16.02 -22.16 -17.04
C GLY A 184 -17.11 -21.32 -16.43
N SER A 185 -17.74 -21.82 -15.37
CA SER A 185 -18.76 -21.00 -14.70
C SER A 185 -18.15 -19.78 -14.01
N GLU A 186 -16.87 -19.84 -13.62
CA GLU A 186 -16.23 -18.66 -13.02
C GLU A 186 -16.04 -17.56 -14.07
N LEU A 187 -15.66 -17.93 -15.28
CA LEU A 187 -15.57 -16.93 -16.35
C LEU A 187 -16.95 -16.36 -16.69
N ASP A 188 -17.99 -17.23 -16.71
CA ASP A 188 -19.36 -16.75 -16.93
C ASP A 188 -19.75 -15.71 -15.87
N TRP A 189 -19.45 -16.01 -14.60
CA TRP A 189 -19.74 -15.03 -13.55
C TRP A 189 -18.95 -13.75 -13.76
N CYS A 190 -17.66 -13.86 -14.09
CA CYS A 190 -16.85 -12.67 -14.31
C CYS A 190 -17.41 -11.82 -15.45
N ASN A 191 -17.86 -12.46 -16.53
CA ASN A 191 -18.42 -11.74 -17.66
C ASN A 191 -19.68 -10.98 -17.26
N GLU A 192 -20.49 -11.57 -16.36
CA GLU A 192 -21.68 -10.89 -15.88
C GLU A 192 -21.34 -9.68 -15.01
N MET A 193 -20.34 -9.82 -14.13
CA MET A 193 -19.89 -8.68 -13.33
C MET A 193 -19.50 -7.51 -14.24
N LEU A 194 -18.74 -7.80 -15.30
CA LEU A 194 -18.31 -6.73 -16.20
C LEU A 194 -19.46 -6.21 -17.05
N ARG A 195 -20.49 -7.03 -17.30
CA ARG A 195 -21.67 -6.51 -17.99
C ARG A 195 -22.42 -5.52 -17.10
N VAL A 196 -22.56 -5.84 -15.81
CA VAL A 196 -23.28 -4.94 -14.91
C VAL A 196 -22.51 -3.63 -14.68
N ASP A 197 -21.17 -3.69 -14.63
CA ASP A 197 -20.37 -2.47 -14.47
C ASP A 197 -19.03 -2.68 -15.19
N GLY A 198 -18.95 -2.21 -16.43
CA GLY A 198 -17.72 -2.32 -17.19
C GLY A 198 -16.55 -1.56 -16.62
N ARG A 199 -16.79 -0.67 -15.65
CA ARG A 199 -15.72 0.09 -15.02
C ARG A 199 -15.21 -0.57 -13.74
N ASN A 200 -15.61 -1.81 -13.47
CA ASN A 200 -15.13 -2.49 -12.25
C ASN A 200 -13.74 -3.07 -12.52
N ASN A 201 -12.70 -2.32 -12.12
CA ASN A 201 -11.34 -2.75 -12.40
C ASN A 201 -10.97 -4.04 -11.68
N SER A 202 -11.65 -4.36 -10.58
CA SER A 202 -11.38 -5.62 -9.87
C SER A 202 -11.82 -6.82 -10.72
N ALA A 203 -12.93 -6.68 -11.44
CA ALA A 203 -13.38 -7.78 -12.30
C ALA A 203 -12.49 -7.94 -13.54
N TRP A 204 -11.95 -6.83 -14.05
CA TRP A 204 -10.94 -6.91 -15.09
C TRP A 204 -9.72 -7.67 -14.60
N GLY A 205 -9.27 -7.38 -13.36
CA GLY A 205 -8.15 -8.11 -12.80
C GLY A 205 -8.43 -9.60 -12.70
N TRP A 206 -9.66 -9.96 -12.31
CA TRP A 206 -10.04 -11.36 -12.21
C TRP A 206 -10.03 -12.03 -13.57
N ARG A 207 -10.59 -11.35 -14.59
CA ARG A 207 -10.55 -11.85 -15.95
C ARG A 207 -9.12 -12.16 -16.39
N TRP A 208 -8.17 -11.29 -16.02
CA TRP A 208 -6.76 -11.51 -16.35
C TRP A 208 -6.25 -12.81 -15.72
N TYR A 209 -6.63 -13.08 -14.47
CA TYR A 209 -6.25 -14.33 -13.84
C TYR A 209 -6.86 -15.51 -14.59
N LEU A 210 -8.15 -15.41 -14.93
CA LEU A 210 -8.86 -16.53 -15.55
C LEU A 210 -8.32 -16.83 -16.93
N ARG A 211 -8.00 -15.80 -17.72
CA ARG A 211 -7.69 -15.96 -19.14
C ARG A 211 -6.21 -15.94 -19.46
N VAL A 212 -5.37 -15.35 -18.59
CA VAL A 212 -3.97 -15.12 -18.94
C VAL A 212 -3.02 -15.74 -17.92
N SER A 213 -3.13 -15.35 -16.64
CA SER A 213 -2.02 -15.61 -15.72
C SER A 213 -2.10 -16.96 -14.99
N ARG A 214 -3.29 -17.50 -14.73
CA ARG A 214 -3.34 -18.76 -13.99
C ARG A 214 -2.62 -19.86 -14.75
N PRO A 215 -1.95 -20.79 -14.06
CA PRO A 215 -1.10 -21.75 -14.79
C PRO A 215 -1.88 -22.62 -15.76
N GLY A 216 -3.17 -22.84 -15.53
CA GLY A 216 -3.96 -23.70 -16.40
C GLY A 216 -4.59 -23.02 -17.60
N ALA A 217 -4.37 -21.72 -17.80
CA ALA A 217 -4.97 -21.01 -18.92
C ALA A 217 -4.47 -21.54 -20.26
N GLU A 218 -5.37 -21.57 -21.24
CA GLU A 218 -5.01 -21.96 -22.61
C GLU A 218 -4.42 -20.78 -23.37
N THR A 219 -3.33 -21.03 -24.11
CA THR A 219 -2.77 -20.05 -25.04
C THR A 219 -2.70 -20.68 -26.42
N SER A 220 -3.66 -20.33 -27.28
CA SER A 220 -3.67 -20.75 -28.67
C SER A 220 -3.97 -19.53 -29.52
N SER A 221 -3.91 -19.71 -30.84
CA SER A 221 -4.21 -18.58 -31.72
C SER A 221 -5.70 -18.24 -31.69
N ARG A 222 -6.55 -19.23 -31.45
CA ARG A 222 -7.98 -18.96 -31.28
C ARG A 222 -8.23 -18.14 -30.03
N SER A 223 -7.62 -18.53 -28.90
CA SER A 223 -7.88 -17.84 -27.65
C SER A 223 -7.37 -16.39 -27.68
N LEU A 224 -6.21 -16.18 -28.32
CA LEU A 224 -5.69 -14.82 -28.47
C LEU A 224 -6.65 -13.96 -29.29
N GLN A 225 -7.23 -14.53 -30.34
CA GLN A 225 -8.19 -13.79 -31.17
C GLN A 225 -9.47 -13.50 -30.40
N ASP A 226 -10.00 -14.52 -29.72
CA ASP A 226 -11.18 -14.33 -28.87
C ASP A 226 -10.94 -13.22 -27.86
N GLU A 227 -9.81 -13.26 -27.15
CA GLU A 227 -9.54 -12.27 -26.12
C GLU A 227 -9.49 -10.87 -26.72
N LEU A 228 -8.81 -10.73 -27.86
CA LEU A 228 -8.70 -9.41 -28.48
C LEU A 228 -10.07 -8.89 -28.92
N ILE A 229 -10.94 -9.78 -29.38
CA ILE A 229 -12.30 -9.38 -29.75
C ILE A 229 -13.05 -8.86 -28.53
N TYR A 230 -12.96 -9.58 -27.41
CA TYR A 230 -13.62 -9.13 -26.18
C TYR A 230 -13.09 -7.77 -25.74
N ILE A 231 -11.76 -7.59 -25.79
CA ILE A 231 -11.19 -6.31 -25.36
C ILE A 231 -11.70 -5.18 -26.24
N LEU A 232 -11.59 -5.35 -27.55
CA LEU A 232 -11.98 -4.30 -28.49
C LEU A 232 -13.46 -3.96 -28.37
N LYS A 233 -14.34 -4.98 -28.28
CA LYS A 233 -15.76 -4.71 -28.06
C LYS A 233 -15.98 -3.91 -26.78
N SER A 234 -15.19 -4.18 -25.74
CA SER A 234 -15.35 -3.46 -24.47
C SER A 234 -14.99 -1.99 -24.63
N ILE A 235 -13.91 -1.70 -25.37
CA ILE A 235 -13.51 -0.32 -25.63
C ILE A 235 -14.58 0.41 -26.44
N HIS A 236 -15.11 -0.24 -27.48
CA HIS A 236 -16.12 0.43 -28.31
C HIS A 236 -17.40 0.72 -27.52
N LEU A 237 -17.70 -0.13 -26.53
CA LEU A 237 -18.85 0.15 -25.67
C LEU A 237 -18.60 1.33 -24.74
N ILE A 238 -17.39 1.45 -24.18
CA ILE A 238 -17.05 2.54 -23.25
C ILE A 238 -15.70 3.12 -23.61
N PRO A 239 -15.60 3.98 -24.64
CA PRO A 239 -14.28 4.41 -25.12
C PRO A 239 -13.41 5.11 -24.09
N HIS A 240 -13.99 5.71 -23.04
CA HIS A 240 -13.18 6.40 -22.04
C HIS A 240 -12.88 5.52 -20.82
N ASN A 241 -13.09 4.21 -20.91
CA ASN A 241 -12.88 3.31 -19.77
C ASN A 241 -11.39 2.94 -19.65
N VAL A 242 -10.71 3.53 -18.67
CA VAL A 242 -9.28 3.28 -18.45
C VAL A 242 -9.00 1.80 -18.19
N SER A 243 -9.90 1.10 -17.49
CA SER A 243 -9.71 -0.33 -17.22
C SER A 243 -9.52 -1.13 -18.49
N ALA A 244 -10.32 -0.83 -19.52
CA ALA A 244 -10.25 -1.54 -20.79
C ALA A 244 -8.98 -1.22 -21.57
N TRP A 245 -8.56 0.06 -21.56
CA TRP A 245 -7.32 0.42 -22.25
C TRP A 245 -6.11 -0.23 -21.60
N ASN A 246 -6.04 -0.22 -20.26
CA ASN A 246 -4.91 -0.86 -19.58
C ASN A 246 -4.87 -2.35 -19.85
N TYR A 247 -6.03 -3.00 -19.88
CA TYR A 247 -6.06 -4.43 -20.18
C TYR A 247 -5.55 -4.69 -21.60
N LEU A 248 -5.94 -3.85 -22.56
CA LEU A 248 -5.46 -4.00 -23.93
C LEU A 248 -3.94 -3.89 -24.00
N ARG A 249 -3.37 -2.86 -23.35
CA ARG A 249 -1.92 -2.67 -23.43
C ARG A 249 -1.18 -3.79 -22.72
N GLY A 250 -1.68 -4.23 -21.56
CA GLY A 250 -1.06 -5.36 -20.88
C GLY A 250 -1.12 -6.62 -21.72
N PHE A 251 -2.26 -6.85 -22.40
CA PHE A 251 -2.41 -8.04 -23.23
C PHE A 251 -1.36 -8.07 -24.34
N LEU A 252 -1.30 -7.00 -25.14
CA LEU A 252 -0.35 -6.94 -26.24
C LEU A 252 1.09 -7.09 -25.77
N LYS A 253 1.43 -6.42 -24.66
CA LYS A 253 2.79 -6.49 -24.15
C LYS A 253 3.12 -7.89 -23.66
N HIS A 254 2.21 -8.51 -22.91
CA HIS A 254 2.47 -9.83 -22.33
C HIS A 254 2.68 -10.87 -23.42
N PHE A 255 1.95 -10.79 -24.53
CA PHE A 255 2.07 -11.77 -25.59
C PHE A 255 2.93 -11.30 -26.76
N SER A 256 3.67 -10.21 -26.59
CA SER A 256 4.57 -9.68 -27.62
C SER A 256 3.85 -9.52 -28.96
N LEU A 257 2.66 -8.92 -28.93
CA LEU A 257 1.86 -8.74 -30.14
C LEU A 257 2.03 -7.32 -30.68
N PRO A 258 2.18 -7.20 -32.00
CA PRO A 258 2.34 -5.87 -32.61
C PRO A 258 1.11 -5.01 -32.43
N LEU A 259 1.33 -3.69 -32.35
CA LEU A 259 0.25 -2.71 -32.23
C LEU A 259 -0.33 -2.30 -33.58
N VAL A 260 0.50 -2.23 -34.61
CA VAL A 260 0.06 -1.69 -35.89
C VAL A 260 -1.17 -2.40 -36.47
N PRO A 261 -1.22 -3.74 -36.54
CA PRO A 261 -2.37 -4.38 -37.22
C PRO A 261 -3.72 -4.07 -36.59
N ILE A 262 -3.75 -3.63 -35.33
CA ILE A 262 -4.99 -3.31 -34.63
C ILE A 262 -5.35 -1.82 -34.74
N LEU A 263 -4.41 -0.99 -35.18
CA LEU A 263 -4.60 0.46 -35.29
C LEU A 263 -5.89 0.89 -35.99
N PRO A 264 -6.41 0.20 -37.02
CA PRO A 264 -7.72 0.60 -37.56
C PRO A 264 -8.82 0.74 -36.52
N ALA A 265 -8.86 -0.15 -35.53
CA ALA A 265 -9.92 -0.05 -34.52
C ALA A 265 -9.67 1.10 -33.54
N ILE A 266 -8.48 1.66 -33.53
CA ILE A 266 -8.10 2.68 -32.56
C ILE A 266 -8.09 4.08 -33.17
N LEU A 267 -7.72 4.20 -34.44
CA LEU A 267 -7.59 5.52 -35.08
C LEU A 267 -8.81 6.42 -34.96
N PRO A 268 -10.08 5.91 -35.08
CA PRO A 268 -11.23 6.82 -34.91
C PRO A 268 -11.25 7.58 -33.59
N TYR A 269 -10.56 7.06 -32.58
CA TYR A 269 -10.54 7.71 -31.28
C TYR A 269 -9.45 8.77 -31.14
N THR A 270 -8.62 8.97 -32.17
CA THR A 270 -7.50 9.89 -32.10
C THR A 270 -7.73 11.16 -32.90
N ALA A 271 -8.94 11.36 -33.42
CA ALA A 271 -9.25 12.56 -34.20
C ALA A 271 -9.45 13.76 -33.30
N PHE A 284 -11.61 -4.28 -41.31
CA PHE A 284 -10.83 -5.50 -41.24
C PHE A 284 -11.52 -6.54 -40.35
N GLY A 285 -10.73 -7.46 -39.79
CA GLY A 285 -11.32 -8.61 -39.10
C GLY A 285 -11.91 -8.28 -37.74
N PHE A 286 -11.24 -7.45 -36.97
CA PHE A 286 -11.62 -7.28 -35.57
C PHE A 286 -12.65 -6.18 -35.43
N PRO A 287 -13.35 -6.12 -34.27
CA PRO A 287 -14.44 -5.14 -34.11
C PRO A 287 -13.99 -3.71 -34.38
N MET A 288 -14.94 -2.91 -34.88
CA MET A 288 -14.72 -1.51 -35.23
C MET A 288 -15.62 -0.61 -34.40
N PRO A 289 -15.25 0.66 -34.20
CA PRO A 289 -16.12 1.59 -33.47
C PRO A 289 -17.45 1.76 -34.19
N SER A 290 -18.46 2.18 -33.41
CA SER A 290 -19.79 2.42 -33.97
C SER A 290 -19.75 3.53 -35.01
N ASP A 291 -20.47 3.32 -36.12
CA ASP A 291 -20.41 4.26 -37.24
C ASP A 291 -20.80 5.67 -36.84
N PRO A 292 -21.90 5.92 -36.12
CA PRO A 292 -21.93 7.09 -35.23
C PRO A 292 -21.41 6.71 -33.84
N LEU A 293 -20.38 7.40 -33.37
CA LEU A 293 -19.86 7.09 -32.05
C LEU A 293 -20.95 7.31 -30.99
N PRO A 294 -20.89 6.59 -29.87
CA PRO A 294 -21.82 6.87 -28.76
C PRO A 294 -21.78 8.34 -28.38
N GLU A 295 -22.92 8.86 -27.93
CA GLU A 295 -22.96 10.22 -27.43
C GLU A 295 -22.12 10.36 -26.16
N ASP A 296 -21.75 11.60 -25.85
CA ASP A 296 -20.88 11.91 -24.71
C ASP A 296 -19.55 11.17 -24.83
N THR A 297 -18.95 11.24 -26.02
CA THR A 297 -17.65 10.65 -26.31
C THR A 297 -16.75 11.70 -26.96
N PRO A 298 -16.31 12.70 -26.18
CA PRO A 298 -15.48 13.77 -26.73
C PRO A 298 -14.13 13.21 -27.18
N LEU A 299 -13.62 13.77 -28.27
CA LEU A 299 -12.40 13.28 -28.89
C LEU A 299 -11.31 14.35 -28.84
N PRO A 300 -10.03 13.95 -28.82
CA PRO A 300 -9.53 12.56 -28.83
C PRO A 300 -9.49 11.93 -27.45
N VAL A 301 -9.45 10.60 -27.42
CA VAL A 301 -9.29 9.83 -26.18
C VAL A 301 -7.80 9.77 -25.86
N PRO A 302 -7.34 10.33 -24.74
CA PRO A 302 -5.89 10.40 -24.50
C PRO A 302 -5.17 9.05 -24.58
N LEU A 303 -5.76 7.98 -24.05
CA LEU A 303 -5.08 6.69 -24.15
C LEU A 303 -5.08 6.14 -25.57
N ALA A 304 -6.00 6.60 -26.43
CA ALA A 304 -5.88 6.27 -27.84
C ALA A 304 -4.66 6.97 -28.46
N LEU A 305 -4.41 8.22 -28.06
CA LEU A 305 -3.21 8.91 -28.54
C LEU A 305 -1.95 8.19 -28.08
N GLU A 306 -1.94 7.67 -26.85
CA GLU A 306 -0.80 6.91 -26.37
C GLU A 306 -0.59 5.66 -27.22
N TYR A 307 -1.68 4.98 -27.58
CA TYR A 307 -1.58 3.83 -28.48
C TYR A 307 -0.95 4.26 -29.82
N LEU A 308 -1.43 5.37 -30.38
CA LEU A 308 -0.89 5.83 -31.66
C LEU A 308 0.60 6.15 -31.55
N ALA A 309 1.00 6.89 -30.50
CA ALA A 309 2.40 7.22 -30.33
C ALA A 309 3.26 5.96 -30.23
N ASP A 310 2.84 5.02 -29.39
CA ASP A 310 3.59 3.76 -29.27
C ASP A 310 3.60 2.99 -30.58
N SER A 311 2.53 3.10 -31.38
CA SER A 311 2.51 2.48 -32.71
C SER A 311 3.59 3.09 -33.59
N PHE A 312 3.74 4.42 -33.56
CA PHE A 312 4.79 5.07 -34.33
C PHE A 312 6.18 4.59 -33.88
N ILE A 313 6.39 4.46 -32.57
CA ILE A 313 7.66 3.95 -32.08
C ILE A 313 7.91 2.54 -32.60
N GLU A 314 6.86 1.71 -32.64
CA GLU A 314 6.99 0.36 -33.18
C GLU A 314 7.48 0.38 -34.63
N GLN A 315 7.09 1.42 -35.39
CA GLN A 315 7.51 1.58 -36.77
C GLN A 315 8.78 2.39 -36.93
N ASN A 316 9.48 2.71 -35.83
CA ASN A 316 10.69 3.52 -35.83
C ASN A 316 10.47 4.94 -36.31
N ARG A 317 9.23 5.43 -36.29
CA ARG A 317 8.93 6.81 -36.68
C ARG A 317 8.90 7.68 -35.43
N VAL A 318 10.10 7.99 -34.93
CA VAL A 318 10.24 8.62 -33.61
C VAL A 318 9.75 10.06 -33.63
N ASP A 319 9.86 10.74 -34.77
CA ASP A 319 9.37 12.12 -34.84
C ASP A 319 7.85 12.16 -34.87
N ASP A 320 7.22 11.18 -35.49
CA ASP A 320 5.75 11.11 -35.43
C ASP A 320 5.27 10.80 -34.03
N ALA A 321 5.96 9.90 -33.32
CA ALA A 321 5.62 9.64 -31.92
C ALA A 321 5.82 10.88 -31.07
N ALA A 322 6.91 11.62 -31.31
CA ALA A 322 7.21 12.79 -30.49
C ALA A 322 6.14 13.85 -30.65
N LYS A 323 5.62 14.04 -31.87
CA LYS A 323 4.56 15.03 -32.07
C LYS A 323 3.29 14.65 -31.33
N VAL A 324 2.98 13.36 -31.24
CA VAL A 324 1.80 12.93 -30.48
C VAL A 324 2.01 13.18 -28.99
N PHE A 325 3.20 12.84 -28.47
CA PHE A 325 3.48 13.09 -27.06
C PHE A 325 3.42 14.58 -26.75
N GLU A 326 3.91 15.41 -27.68
CA GLU A 326 3.88 16.86 -27.45
C GLU A 326 2.45 17.37 -27.31
N LYS A 327 1.54 16.85 -28.13
CA LYS A 327 0.14 17.29 -28.05
C LYS A 327 -0.55 16.74 -26.81
N LEU A 328 -0.26 15.49 -26.44
CA LEU A 328 -0.74 15.00 -25.14
C LEU A 328 -0.29 15.92 -24.02
N SER A 329 0.96 16.39 -24.10
CA SER A 329 1.56 17.19 -23.03
C SER A 329 0.98 18.61 -22.98
N SER A 330 0.83 19.27 -24.13
CA SER A 330 0.40 20.66 -24.12
C SER A 330 -1.10 20.85 -24.34
N GLU A 331 -1.79 19.86 -24.91
CA GLU A 331 -3.21 20.07 -25.19
C GLU A 331 -4.17 19.04 -24.58
N TYR A 332 -3.91 17.76 -24.76
CA TYR A 332 -4.97 16.77 -24.58
C TYR A 332 -4.97 16.06 -23.24
N ASP A 333 -3.84 15.98 -22.54
CA ASP A 333 -3.76 15.35 -21.22
C ASP A 333 -2.87 16.17 -20.30
N GLN A 334 -3.17 17.46 -20.16
CA GLN A 334 -2.26 18.41 -19.53
C GLN A 334 -1.97 18.11 -18.07
N MET A 335 -2.82 17.36 -17.37
CA MET A 335 -2.47 17.00 -16.00
C MET A 335 -1.16 16.22 -15.96
N ARG A 336 -0.83 15.49 -17.03
CA ARG A 336 0.39 14.71 -17.12
C ARG A 336 1.41 15.34 -18.07
N ALA A 337 1.42 16.67 -18.15
CA ALA A 337 2.26 17.36 -19.13
C ALA A 337 3.73 17.00 -18.98
N GLY A 338 4.22 16.89 -17.74
CA GLY A 338 5.62 16.57 -17.55
C GLY A 338 5.97 15.14 -17.96
N TYR A 339 5.11 14.19 -17.60
CA TYR A 339 5.32 12.81 -18.04
C TYR A 339 5.33 12.69 -19.56
N TRP A 340 4.34 13.30 -20.22
CA TRP A 340 4.31 13.21 -21.69
C TRP A 340 5.49 13.91 -22.32
N GLU A 341 6.01 14.97 -21.67
CA GLU A 341 7.23 15.62 -22.17
C GLU A 341 8.44 14.71 -21.97
N PHE A 342 8.49 14.00 -20.84
CA PHE A 342 9.52 12.99 -20.65
C PHE A 342 9.47 11.94 -21.79
N ARG A 343 8.27 11.48 -22.14
CA ARG A 343 8.16 10.53 -23.25
C ARG A 343 8.60 11.15 -24.57
N ARG A 344 8.26 12.42 -24.80
CA ARG A 344 8.67 13.06 -26.04
C ARG A 344 10.18 13.09 -26.18
N ARG A 345 10.89 13.46 -25.10
CA ARG A 345 12.35 13.57 -25.17
C ARG A 345 13.01 12.22 -25.38
N GLU A 346 12.44 11.16 -24.82
CA GLU A 346 12.98 9.81 -25.03
C GLU A 346 13.11 9.47 -26.50
N CYS A 347 12.27 10.06 -27.35
CA CYS A 347 12.31 9.73 -28.77
C CYS A 347 13.61 10.22 -29.41
N ALA A 348 14.15 11.34 -28.94
CA ALA A 348 15.42 11.86 -29.44
C ALA A 348 16.61 11.14 -28.81
N ALA B 2 10.11 26.41 -13.93
CA ALA B 2 10.13 25.32 -12.93
C ALA B 2 8.72 24.74 -12.82
N THR B 3 7.75 25.50 -13.32
CA THR B 3 6.32 25.16 -13.33
C THR B 3 5.78 25.07 -14.76
N GLU B 4 6.67 24.96 -15.74
CA GLU B 4 6.25 24.91 -17.14
C GLU B 4 5.33 23.72 -17.40
N PHE B 5 5.62 22.58 -16.79
CA PHE B 5 4.90 21.35 -17.04
C PHE B 5 4.03 20.92 -15.86
N THR B 6 3.78 21.82 -14.90
CA THR B 6 2.92 21.53 -13.77
C THR B 6 1.81 22.58 -13.72
N PRO B 7 0.81 22.49 -14.61
CA PRO B 7 -0.23 23.53 -14.64
C PRO B 7 -1.15 23.46 -13.42
N SER B 8 -1.53 24.65 -12.95
CA SER B 8 -2.49 24.74 -11.86
C SER B 8 -3.85 24.20 -12.28
N VAL B 9 -4.55 23.62 -11.30
CA VAL B 9 -5.91 23.14 -11.54
C VAL B 9 -6.81 24.28 -12.00
N TYR B 10 -6.62 25.49 -11.45
CA TYR B 10 -7.46 26.63 -11.82
C TYR B 10 -7.19 27.14 -13.23
N SER B 11 -6.12 26.71 -13.90
CA SER B 11 -5.81 27.16 -15.24
C SER B 11 -6.27 26.19 -16.31
N LEU B 12 -6.86 25.07 -15.91
CA LEU B 12 -7.29 24.02 -16.83
C LEU B 12 -8.81 23.94 -16.86
N VAL B 13 -9.34 23.40 -17.97
CA VAL B 13 -10.78 23.23 -18.12
C VAL B 13 -11.23 22.02 -17.28
N SER B 14 -12.21 22.24 -16.41
CA SER B 14 -12.79 21.17 -15.61
C SER B 14 -14.01 20.60 -16.34
N LYS B 15 -13.99 19.31 -16.63
CA LYS B 15 -15.11 18.62 -17.24
C LYS B 15 -15.29 17.26 -16.60
N PRO B 16 -16.52 16.77 -16.49
CA PRO B 16 -16.74 15.45 -15.90
C PRO B 16 -16.09 14.35 -16.74
N LEU B 17 -15.82 13.22 -16.09
CA LEU B 17 -15.47 12.00 -16.83
C LEU B 17 -16.60 11.67 -17.79
N PRO B 18 -16.34 11.58 -19.09
CA PRO B 18 -17.43 11.29 -20.04
C PRO B 18 -18.08 9.94 -19.78
N SER B 19 -19.38 9.87 -20.04
CA SER B 19 -20.20 8.69 -19.76
C SER B 19 -20.25 7.70 -20.92
N ASN B 20 -19.98 8.16 -22.15
CA ASN B 20 -20.17 7.36 -23.36
C ASN B 20 -21.60 6.80 -23.46
N SER B 21 -22.56 7.44 -22.79
CA SER B 21 -23.95 7.00 -22.78
C SER B 21 -24.12 5.60 -22.18
N ARG B 22 -23.22 5.22 -21.26
CA ARG B 22 -23.28 3.93 -20.56
C ARG B 22 -23.17 4.17 -19.07
N PRO B 23 -24.30 4.34 -18.37
CA PRO B 23 -24.23 4.54 -16.91
C PRO B 23 -23.83 3.26 -16.19
N SER B 24 -23.19 3.44 -15.03
CA SER B 24 -22.84 2.34 -14.14
C SER B 24 -22.63 2.89 -12.74
N ALA B 25 -22.54 1.97 -11.77
CA ALA B 25 -22.39 2.38 -10.38
C ALA B 25 -21.08 3.13 -10.14
N THR B 26 -20.00 2.72 -10.82
CA THR B 26 -18.73 3.43 -10.76
C THR B 26 -18.90 4.89 -11.17
N LEU B 27 -19.64 5.12 -12.27
CA LEU B 27 -19.76 6.48 -12.78
C LEU B 27 -20.64 7.35 -11.90
N ASP B 28 -21.73 6.79 -11.36
CA ASP B 28 -22.54 7.54 -10.39
C ASP B 28 -21.68 8.04 -9.24
N GLU B 29 -20.82 7.18 -8.71
CA GLU B 29 -20.01 7.55 -7.56
C GLU B 29 -18.94 8.55 -7.97
N GLN B 30 -18.33 8.36 -9.15
CA GLN B 30 -17.34 9.31 -9.66
C GLN B 30 -17.95 10.70 -9.84
N ALA B 31 -19.13 10.79 -10.46
CA ALA B 31 -19.73 12.09 -10.75
C ALA B 31 -20.11 12.82 -9.46
N GLU B 32 -20.62 12.08 -8.48
CA GLU B 32 -20.93 12.67 -7.19
C GLU B 32 -19.67 13.23 -6.52
N THR B 33 -18.56 12.51 -6.62
CA THR B 33 -17.30 12.99 -6.02
C THR B 33 -16.76 14.20 -6.78
N GLU B 34 -16.84 14.17 -8.12
CA GLU B 34 -16.45 15.33 -8.91
C GLU B 34 -17.20 16.59 -8.48
N ASP B 35 -18.51 16.47 -8.23
CA ASP B 35 -19.28 17.63 -7.80
C ASP B 35 -18.83 18.12 -6.43
N LEU B 36 -18.47 17.21 -5.53
CA LEU B 36 -18.04 17.62 -4.19
C LEU B 36 -16.74 18.41 -4.25
N ILE B 37 -15.74 17.88 -4.96
CA ILE B 37 -14.44 18.54 -4.99
C ILE B 37 -14.50 19.83 -5.80
N SER B 38 -15.17 19.83 -6.95
CA SER B 38 -15.16 21.02 -7.80
C SER B 38 -15.95 22.17 -7.17
N GLN B 39 -16.97 21.87 -6.37
CA GLN B 39 -17.69 22.94 -5.68
C GLN B 39 -16.83 23.60 -4.61
N LEU B 40 -15.99 22.81 -3.92
CA LEU B 40 -15.12 23.41 -2.91
C LEU B 40 -14.02 24.25 -3.54
N PHE B 41 -13.46 23.80 -4.67
CA PHE B 41 -12.50 24.62 -5.43
C PHE B 41 -13.14 25.93 -5.89
N ASP B 42 -14.43 25.89 -6.28
CA ASP B 42 -15.10 27.10 -6.75
C ASP B 42 -15.34 28.08 -5.62
N LEU B 43 -15.46 27.59 -4.38
CA LEU B 43 -15.60 28.47 -3.21
C LEU B 43 -14.27 28.99 -2.68
N THR B 44 -13.14 28.51 -3.19
CA THR B 44 -11.83 28.76 -2.61
C THR B 44 -11.00 29.64 -3.53
N ALA B 45 -10.34 30.65 -2.96
CA ALA B 45 -9.44 31.48 -3.76
C ALA B 45 -8.29 30.65 -4.31
N ASP B 46 -7.96 30.87 -5.58
CA ASP B 46 -6.81 30.24 -6.22
C ASP B 46 -5.54 30.51 -5.39
N PRO B 47 -4.86 29.48 -4.89
CA PRO B 47 -3.65 29.71 -4.07
C PRO B 47 -2.55 30.44 -4.80
N ASN B 48 -2.50 30.37 -6.13
CA ASN B 48 -1.43 31.00 -6.87
C ASN B 48 -1.63 32.49 -7.09
N ALA B 49 -2.77 33.04 -6.70
CA ALA B 49 -3.05 34.46 -6.94
C ALA B 49 -2.67 35.32 -5.75
N LEU B 50 -2.22 36.55 -6.05
CA LEU B 50 -1.94 37.52 -5.00
C LEU B 50 -3.18 38.31 -4.61
N VAL B 51 -4.12 38.47 -5.55
CA VAL B 51 -5.39 39.15 -5.29
C VAL B 51 -6.40 38.06 -4.94
N SER B 52 -6.46 37.72 -3.64
CA SER B 52 -7.42 36.74 -3.16
C SER B 52 -8.83 37.32 -3.25
N GLU B 53 -9.68 36.68 -4.06
CA GLU B 53 -11.03 37.20 -4.29
C GLU B 53 -11.75 37.46 -2.98
N HIS B 54 -12.44 38.59 -2.93
CA HIS B 54 -13.25 38.92 -1.76
C HIS B 54 -14.39 37.92 -1.63
N GLY B 55 -14.62 37.45 -0.40
CA GLY B 55 -15.67 36.49 -0.13
C GLY B 55 -15.28 35.03 -0.29
N LYS B 56 -14.14 34.73 -0.87
CA LYS B 56 -13.75 33.34 -1.11
C LYS B 56 -12.81 32.83 -0.01
N ARG B 57 -12.85 31.53 0.23
CA ARG B 57 -12.09 30.95 1.32
C ARG B 57 -10.58 30.99 1.02
N TYR B 58 -9.78 31.26 2.05
CA TYR B 58 -8.33 31.28 1.92
C TYR B 58 -7.78 29.89 2.21
N SER B 59 -6.93 29.38 1.31
CA SER B 59 -6.49 27.99 1.31
C SER B 59 -5.17 27.74 2.04
N GLY B 60 -4.59 28.76 2.69
CA GLY B 60 -3.33 28.55 3.38
C GLY B 60 -3.33 27.37 4.35
N LEU B 61 -2.19 26.70 4.47
CA LEU B 61 -2.09 25.54 5.36
C LEU B 61 -2.29 25.97 6.80
N ARG B 62 -3.31 25.42 7.45
CA ARG B 62 -3.70 25.86 8.80
C ARG B 62 -2.94 25.04 9.84
N LYS B 63 -1.64 25.34 9.93
CA LYS B 63 -0.72 24.48 10.68
C LYS B 63 -1.07 24.44 12.17
N GLN B 64 -1.53 25.56 12.73
CA GLN B 64 -1.85 25.58 14.16
C GLN B 64 -3.13 24.78 14.45
N GLU B 65 -4.13 24.86 13.57
CA GLU B 65 -5.29 23.99 13.71
C GLU B 65 -4.89 22.52 13.65
N HIS B 66 -3.98 22.17 12.73
CA HIS B 66 -3.58 20.77 12.62
C HIS B 66 -2.77 20.33 13.84
N THR B 67 -1.95 21.23 14.38
CA THR B 67 -1.22 20.93 15.60
C THR B 67 -2.17 20.65 16.76
N GLN B 68 -3.19 21.49 16.94
CA GLN B 68 -4.12 21.26 18.03
C GLN B 68 -4.97 20.00 17.79
N PHE B 69 -5.24 19.65 16.53
CA PHE B 69 -5.92 18.38 16.23
C PHE B 69 -5.13 17.21 16.79
N LEU B 70 -3.82 17.19 16.55
CA LEU B 70 -2.98 16.10 17.03
C LEU B 70 -2.74 16.13 18.54
N ALA B 71 -3.03 17.24 19.21
CA ALA B 71 -2.68 17.36 20.63
C ALA B 71 -3.42 16.33 21.51
N SER B 72 -4.59 15.86 21.09
CA SER B 72 -5.29 14.84 21.88
C SER B 72 -4.46 13.57 22.10
N SER B 73 -3.50 13.28 21.21
CA SER B 73 -2.69 12.07 21.38
C SER B 73 -1.93 12.05 22.70
N PHE B 74 -1.61 13.21 23.26
CA PHE B 74 -0.83 13.27 24.48
C PHE B 74 -1.69 13.46 25.71
N PHE B 75 -3.02 13.42 25.56
CA PHE B 75 -3.92 13.40 26.71
C PHE B 75 -4.74 12.11 26.74
N GLN B 76 -5.62 11.91 25.76
CA GLN B 76 -6.52 10.75 25.75
C GLN B 76 -7.34 10.72 24.48
N LEU B 77 -7.70 9.53 24.02
CA LEU B 77 -8.55 9.34 22.86
C LEU B 77 -9.90 8.76 23.29
N PRO B 78 -11.00 9.20 22.67
CA PRO B 78 -12.32 8.70 23.07
C PRO B 78 -12.47 7.20 22.81
N GLY B 79 -13.55 6.64 23.35
CA GLY B 79 -13.75 5.20 23.29
C GLY B 79 -13.86 4.65 21.88
N LYS B 80 -14.28 5.47 20.93
CA LYS B 80 -14.41 5.00 19.55
C LYS B 80 -13.07 4.53 18.97
N PHE B 81 -11.93 4.98 19.53
CA PHE B 81 -10.64 4.52 19.01
C PHE B 81 -10.29 3.09 19.40
N VAL B 82 -11.18 2.38 20.10
CA VAL B 82 -10.91 0.97 20.40
C VAL B 82 -10.67 0.19 19.11
N SER B 83 -11.23 0.67 17.99
CA SER B 83 -11.03 0.00 16.70
C SER B 83 -9.57 0.04 16.26
N LEU B 84 -8.76 0.91 16.86
CA LEU B 84 -7.32 1.01 16.58
C LEU B 84 -6.48 0.58 17.78
N ASP B 85 -7.10 -0.07 18.77
CA ASP B 85 -6.36 -0.49 19.97
C ASP B 85 -5.23 -1.46 19.66
N ALA B 86 -5.28 -2.15 18.51
CA ALA B 86 -4.17 -3.00 18.11
C ALA B 86 -3.19 -2.29 17.20
N SER B 87 -3.31 -0.97 17.08
CA SER B 87 -2.45 -0.16 16.20
C SER B 87 -1.97 1.09 16.92
N ARG B 88 -1.86 1.05 18.24
CA ARG B 88 -1.46 2.26 18.96
C ARG B 88 -0.08 2.80 18.55
N PRO B 89 0.93 1.98 18.19
CA PRO B 89 2.16 2.56 17.62
C PRO B 89 1.92 3.40 16.37
N TRP B 90 0.89 3.10 15.57
CA TRP B 90 0.56 3.91 14.41
C TRP B 90 -0.01 5.25 14.85
N LEU B 91 -0.85 5.25 15.89
CA LEU B 91 -1.32 6.52 16.44
C LEU B 91 -0.13 7.37 16.90
N VAL B 92 0.90 6.75 17.48
CA VAL B 92 2.10 7.50 17.84
C VAL B 92 2.78 8.04 16.60
N PHE B 93 3.04 7.15 15.63
CA PHE B 93 3.78 7.54 14.42
C PHE B 93 3.05 8.64 13.65
N TRP B 94 1.75 8.46 13.40
CA TRP B 94 1.01 9.49 12.66
C TRP B 94 1.13 10.83 13.35
N THR B 95 1.12 10.83 14.69
CA THR B 95 1.23 12.08 15.45
C THR B 95 2.63 12.67 15.38
N VAL B 96 3.67 11.88 15.74
CA VAL B 96 4.99 12.50 15.92
C VAL B 96 5.64 12.82 14.57
N HIS B 97 5.34 12.05 13.51
CA HIS B 97 5.85 12.40 12.18
C HIS B 97 5.14 13.62 11.62
N SER B 98 3.82 13.74 11.85
CA SER B 98 3.10 14.94 11.41
C SER B 98 3.65 16.19 12.09
N LEU B 99 3.96 16.09 13.38
CA LEU B 99 4.53 17.25 14.08
C LEU B 99 5.91 17.61 13.54
N ASP B 100 6.74 16.60 13.24
CA ASP B 100 8.00 16.86 12.56
C ASP B 100 7.79 17.62 11.24
N LEU B 101 6.85 17.17 10.42
CA LEU B 101 6.59 17.82 9.14
C LEU B 101 6.09 19.24 9.36
N LEU B 102 5.20 19.43 10.34
CA LEU B 102 4.67 20.75 10.63
C LEU B 102 5.68 21.65 11.33
N GLY B 103 6.81 21.10 11.76
CA GLY B 103 7.85 21.91 12.37
C GLY B 103 7.64 22.24 13.83
N VAL B 104 6.90 21.39 14.55
CA VAL B 104 6.51 21.61 15.95
C VAL B 104 7.32 20.66 16.82
N ALA B 105 8.07 21.20 17.77
CA ALA B 105 8.90 20.39 18.66
C ALA B 105 8.13 19.91 19.88
N LEU B 106 8.37 18.67 20.28
CA LEU B 106 7.95 18.16 21.58
C LEU B 106 9.04 18.47 22.62
N ASP B 107 8.62 18.78 23.85
CA ASP B 107 9.61 18.94 24.91
C ASP B 107 10.13 17.56 25.36
N GLN B 108 11.21 17.57 26.15
CA GLN B 108 11.89 16.32 26.47
C GLN B 108 11.01 15.40 27.32
N GLY B 109 10.24 15.95 28.25
CA GLY B 109 9.37 15.12 29.06
C GLY B 109 8.34 14.38 28.24
N THR B 110 7.77 15.06 27.24
CA THR B 110 6.81 14.40 26.36
C THR B 110 7.49 13.34 25.50
N LYS B 111 8.66 13.65 24.93
CA LYS B 111 9.42 12.62 24.21
C LYS B 111 9.72 11.41 25.08
N ASP B 112 10.07 11.65 26.35
CA ASP B 112 10.36 10.54 27.27
C ASP B 112 9.14 9.67 27.49
N ARG B 113 7.94 10.27 27.53
CA ARG B 113 6.71 9.49 27.63
C ARG B 113 6.47 8.66 26.37
N VAL B 114 6.75 9.23 25.20
CA VAL B 114 6.64 8.47 23.95
C VAL B 114 7.55 7.26 23.99
N VAL B 115 8.82 7.47 24.36
CA VAL B 115 9.80 6.39 24.41
C VAL B 115 9.33 5.31 25.39
N SER B 116 8.91 5.73 26.59
CA SER B 116 8.53 4.75 27.61
C SER B 116 7.31 3.95 27.17
N THR B 117 6.33 4.62 26.56
CA THR B 117 5.13 3.91 26.09
C THR B 117 5.53 2.81 25.09
N LEU B 118 6.34 3.15 24.09
CA LEU B 118 6.69 2.20 23.04
C LEU B 118 7.52 1.05 23.58
N LEU B 119 8.44 1.32 24.52
CA LEU B 119 9.26 0.24 25.08
C LEU B 119 8.41 -0.76 25.86
N HIS B 120 7.27 -0.32 26.41
CA HIS B 120 6.36 -1.29 27.03
C HIS B 120 5.67 -2.18 26.00
N PHE B 121 5.72 -1.85 24.71
CA PHE B 121 5.18 -2.69 23.64
C PHE B 121 6.19 -3.70 23.11
N LEU B 122 7.43 -3.69 23.60
CA LEU B 122 8.50 -4.51 23.06
C LEU B 122 8.58 -5.84 23.83
N SER B 123 8.49 -6.98 23.08
CA SER B 123 8.62 -8.27 23.76
C SER B 123 10.09 -8.71 23.85
N PRO B 124 10.49 -9.29 24.98
CA PRO B 124 11.85 -9.87 25.07
C PRO B 124 12.13 -10.92 24.00
N LYS B 125 11.10 -11.65 23.55
CA LYS B 125 11.29 -12.66 22.51
C LYS B 125 11.51 -12.04 21.14
N GLY B 126 11.17 -10.77 20.96
CA GLY B 126 11.46 -10.07 19.72
C GLY B 126 10.28 -9.35 19.08
N GLY B 127 10.42 -8.05 18.82
CA GLY B 127 9.46 -7.27 18.07
C GLY B 127 8.51 -6.49 18.97
N PHE B 128 7.84 -5.49 18.37
CA PHE B 128 6.82 -4.69 19.02
C PHE B 128 5.42 -5.18 18.61
N GLY B 129 4.49 -5.18 19.57
CA GLY B 129 3.08 -5.36 19.26
C GLY B 129 2.33 -4.04 19.17
N GLY B 130 1.02 -4.15 18.92
CA GLY B 130 0.16 -2.98 18.83
C GLY B 130 -0.23 -2.37 20.15
N GLY B 131 0.26 -2.95 21.24
CA GLY B 131 0.04 -2.45 22.57
C GLY B 131 1.01 -3.14 23.50
N PRO B 132 0.77 -3.05 24.81
CA PRO B 132 1.69 -3.63 25.79
C PRO B 132 1.97 -5.11 25.56
N ALA B 133 3.22 -5.50 25.82
CA ALA B 133 3.68 -6.87 25.62
C ALA B 133 2.96 -7.87 26.53
N ASN B 134 2.33 -7.43 27.62
CA ASN B 134 1.51 -8.38 28.38
C ASN B 134 0.12 -8.55 27.80
N SER B 135 -0.17 -7.90 26.67
CA SER B 135 -1.50 -7.89 26.08
C SER B 135 -1.51 -8.30 24.60
N GLN B 136 -0.45 -7.97 23.86
CA GLN B 136 -0.45 -8.22 22.42
C GLN B 136 0.87 -8.83 22.00
N ILE B 137 0.83 -9.71 21.01
CA ILE B 137 2.02 -10.39 20.50
C ILE B 137 2.70 -9.48 19.46
N PRO B 138 3.98 -9.69 19.15
CA PRO B 138 4.65 -8.80 18.18
C PRO B 138 4.05 -8.92 16.80
N HIS B 139 4.19 -7.84 16.02
CA HIS B 139 3.60 -7.71 14.69
C HIS B 139 4.54 -6.84 13.86
N LEU B 140 4.75 -7.20 12.59
CA LEU B 140 5.68 -6.46 11.74
C LEU B 140 5.26 -5.00 11.54
N LEU B 141 3.97 -4.70 11.52
CA LEU B 141 3.59 -3.34 11.17
C LEU B 141 3.76 -2.39 12.37
N PRO B 142 3.28 -2.75 13.57
CA PRO B 142 3.69 -1.99 14.78
C PRO B 142 5.19 -1.92 15.00
N THR B 143 5.95 -2.94 14.57
CA THR B 143 7.40 -2.87 14.72
C THR B 143 7.98 -1.74 13.86
N TYR B 144 7.53 -1.60 12.62
CA TYR B 144 7.95 -0.45 11.80
C TYR B 144 7.53 0.86 12.45
N ALA B 145 6.25 0.95 12.87
CA ALA B 145 5.76 2.21 13.41
C ALA B 145 6.49 2.58 14.70
N SER B 146 6.81 1.58 15.54
CA SER B 146 7.52 1.87 16.80
C SER B 146 8.96 2.28 16.54
N VAL B 147 9.65 1.59 15.63
CA VAL B 147 11.04 1.91 15.31
C VAL B 147 11.16 3.31 14.74
N CYS B 148 10.27 3.67 13.81
CA CYS B 148 10.30 5.02 13.22
C CYS B 148 9.97 6.08 14.27
N SER B 149 9.00 5.78 15.15
CA SER B 149 8.65 6.71 16.21
C SER B 149 9.82 6.92 17.16
N LEU B 150 10.59 5.86 17.44
CA LEU B 150 11.77 6.01 18.29
C LEU B 150 12.86 6.80 17.58
N ALA B 151 12.99 6.67 16.26
CA ALA B 151 13.86 7.56 15.51
C ALA B 151 13.45 9.02 15.67
N ILE B 152 12.14 9.29 15.72
CA ILE B 152 11.66 10.67 15.76
C ILE B 152 11.75 11.25 17.17
N ALA B 153 11.42 10.45 18.19
CA ALA B 153 11.28 10.95 19.55
C ALA B 153 12.40 10.53 20.50
N GLY B 154 13.24 9.56 20.14
CA GLY B 154 14.24 9.03 21.04
C GLY B 154 15.62 9.66 20.86
N ASN B 155 16.59 9.09 21.57
CA ASN B 155 17.96 9.61 21.58
C ASN B 155 18.91 8.56 22.13
N ASP B 156 20.20 8.89 22.13
CA ASP B 156 21.23 7.92 22.43
C ASP B 156 21.57 7.81 23.92
N SER B 157 20.83 8.50 24.79
CA SER B 157 21.09 8.44 26.23
C SER B 157 20.47 7.18 26.84
N SER B 158 20.66 7.02 28.15
CA SER B 158 20.16 5.83 28.82
C SER B 158 18.64 5.80 28.94
N THR B 159 17.96 6.94 28.79
CA THR B 159 16.50 6.97 28.76
C THR B 159 15.92 7.24 27.38
N GLY B 160 16.75 7.18 26.33
CA GLY B 160 16.33 7.55 24.99
C GLY B 160 15.81 6.45 24.10
N GLY B 161 15.80 5.20 24.56
CA GLY B 161 15.17 4.10 23.83
C GLY B 161 16.05 3.44 22.78
N TRP B 162 17.02 4.16 22.21
CA TRP B 162 17.86 3.58 21.18
C TRP B 162 18.74 2.47 21.72
N LYS B 163 19.26 2.61 22.95
CA LYS B 163 20.06 1.53 23.51
C LYS B 163 19.23 0.28 23.75
N ASP B 164 17.94 0.42 24.06
CA ASP B 164 17.07 -0.75 24.17
C ASP B 164 16.88 -1.43 22.81
N LEU B 165 16.74 -0.63 21.74
CA LEU B 165 16.67 -1.21 20.41
C LEU B 165 17.93 -1.99 20.07
N ALA B 166 19.10 -1.40 20.37
CA ALA B 166 20.36 -2.06 20.08
C ALA B 166 20.47 -3.40 20.81
N ALA B 167 20.10 -3.44 22.09
CA ALA B 167 20.12 -4.69 22.84
C ALA B 167 19.11 -5.71 22.31
N ALA B 168 18.05 -5.26 21.65
CA ALA B 168 17.02 -6.16 21.14
C ALA B 168 17.30 -6.66 19.73
N ARG B 169 18.46 -6.33 19.14
CA ARG B 169 18.69 -6.62 17.72
C ARG B 169 18.60 -8.11 17.41
N GLN B 170 19.20 -8.96 18.26
CA GLN B 170 19.19 -10.39 18.00
C GLN B 170 17.78 -10.96 18.10
N SER B 171 17.02 -10.54 19.13
CA SER B 171 15.67 -11.07 19.31
C SER B 171 14.73 -10.59 18.19
N ILE B 172 14.85 -9.32 17.79
CA ILE B 172 14.08 -8.83 16.64
C ILE B 172 14.42 -9.61 15.38
N TYR B 173 15.71 -9.85 15.13
CA TYR B 173 16.09 -10.68 13.99
C TYR B 173 15.45 -12.06 14.07
N GLU B 174 15.43 -12.66 15.26
CA GLU B 174 14.85 -13.98 15.43
C GLU B 174 13.34 -13.96 15.17
N PHE B 175 12.66 -12.90 15.60
CA PHE B 175 11.26 -12.71 15.24
C PHE B 175 11.09 -12.65 13.72
N PHE B 176 11.93 -11.86 13.05
CA PHE B 176 11.85 -11.77 11.59
C PHE B 176 12.03 -13.14 10.93
N MET B 177 12.94 -13.97 11.43
CA MET B 177 13.15 -15.28 10.82
C MET B 177 12.01 -16.26 11.13
N ARG B 178 11.35 -16.12 12.29
CA ARG B 178 10.15 -16.93 12.53
C ARG B 178 9.00 -16.54 11.60
N CYS B 179 8.97 -15.28 11.15
CA CYS B 179 7.95 -14.83 10.22
C CYS B 179 8.22 -15.31 8.80
N LYS B 180 9.45 -15.70 8.48
CA LYS B 180 9.84 -15.93 7.09
C LYS B 180 9.25 -17.23 6.53
N ARG B 181 8.67 -17.14 5.29
CA ARG B 181 8.19 -18.26 4.48
C ARG B 181 9.23 -18.63 3.44
N PRO B 182 9.27 -19.92 3.03
CA PRO B 182 10.27 -20.34 2.04
C PRO B 182 10.13 -19.65 0.68
N ASP B 183 8.94 -19.19 0.31
CA ASP B 183 8.77 -18.57 -1.00
C ASP B 183 9.16 -17.10 -1.05
N GLY B 184 9.59 -16.51 0.06
CA GLY B 184 9.98 -15.11 0.07
C GLY B 184 8.99 -14.18 0.76
N GLY B 185 7.79 -14.66 1.09
CA GLY B 185 6.88 -13.87 1.89
C GLY B 185 7.18 -13.95 3.37
N PHE B 186 6.53 -13.07 4.14
CA PHE B 186 6.56 -13.08 5.60
C PHE B 186 5.13 -13.02 6.13
N VAL B 187 4.82 -13.80 7.18
CA VAL B 187 3.60 -13.52 7.95
C VAL B 187 3.84 -12.25 8.78
N VAL B 188 2.79 -11.44 8.95
CA VAL B 188 2.96 -10.20 9.72
C VAL B 188 3.08 -10.48 11.22
N CYS B 189 2.56 -11.61 11.68
CA CYS B 189 2.67 -12.03 13.07
C CYS B 189 2.44 -13.53 13.10
N GLU B 190 2.59 -14.13 14.28
CA GLU B 190 2.33 -15.56 14.40
C GLU B 190 0.91 -15.86 13.93
N GLY B 191 0.79 -16.71 12.91
CA GLY B 191 -0.49 -17.04 12.33
C GLY B 191 -1.15 -15.95 11.51
N GLY B 192 -0.40 -14.94 11.05
CA GLY B 192 -0.97 -13.77 10.41
C GLY B 192 -0.86 -13.78 8.88
N GLU B 193 -1.40 -12.73 8.26
CA GLU B 193 -1.50 -12.67 6.81
C GLU B 193 -0.14 -12.34 6.18
N VAL B 194 -0.03 -12.61 4.87
CA VAL B 194 1.23 -12.54 4.11
C VAL B 194 1.03 -11.55 2.96
N ASP B 195 1.68 -10.40 3.01
CA ASP B 195 1.61 -9.45 1.89
C ASP B 195 2.80 -8.50 1.96
N VAL B 196 2.88 -7.60 0.98
CA VAL B 196 4.06 -6.75 0.85
C VAL B 196 4.11 -5.65 1.90
N ARG B 197 3.02 -5.39 2.63
CA ARG B 197 3.12 -4.53 3.82
C ARG B 197 4.10 -5.11 4.82
N GLY B 198 4.05 -6.43 5.02
CA GLY B 198 4.97 -7.08 5.94
C GLY B 198 6.41 -7.01 5.46
N THR B 199 6.63 -7.28 4.18
CA THR B 199 7.96 -7.21 3.59
C THR B 199 8.54 -5.80 3.73
N TYR B 200 7.73 -4.78 3.42
CA TYR B 200 8.20 -3.41 3.51
C TYR B 200 8.58 -3.05 4.94
N CYS B 201 7.68 -3.31 5.90
CA CYS B 201 7.96 -2.93 7.28
C CYS B 201 9.21 -3.64 7.80
N LEU B 202 9.36 -4.92 7.45
CA LEU B 202 10.52 -5.69 7.91
C LEU B 202 11.82 -5.20 7.29
N LEU B 203 11.81 -4.87 5.98
CA LEU B 203 13.06 -4.44 5.33
C LEU B 203 13.52 -3.07 5.83
N VAL B 204 12.58 -2.16 6.12
CA VAL B 204 12.98 -0.87 6.71
C VAL B 204 13.68 -1.10 8.04
N VAL B 205 13.06 -1.88 8.92
CA VAL B 205 13.63 -2.07 10.25
C VAL B 205 14.96 -2.79 10.17
N ALA B 206 15.04 -3.85 9.33
CA ALA B 206 16.29 -4.59 9.23
C ALA B 206 17.40 -3.71 8.66
N THR B 207 17.05 -2.84 7.71
CA THR B 207 18.03 -1.91 7.15
C THR B 207 18.55 -0.95 8.21
N LEU B 208 17.64 -0.39 9.03
CA LEU B 208 18.03 0.63 10.00
C LEU B 208 18.83 0.05 11.16
N LEU B 209 18.58 -1.21 11.54
CA LEU B 209 19.20 -1.78 12.74
C LEU B 209 20.40 -2.67 12.44
N ASP B 210 20.81 -2.78 11.17
CA ASP B 210 21.98 -3.60 10.78
C ASP B 210 21.77 -5.07 11.15
N ILE B 211 20.65 -5.65 10.71
CA ILE B 211 20.39 -7.07 10.97
C ILE B 211 19.97 -7.80 9.69
N ILE B 212 20.49 -7.37 8.52
CA ILE B 212 20.25 -8.07 7.27
C ILE B 212 21.26 -9.20 7.10
N THR B 213 20.79 -10.37 6.67
CA THR B 213 21.61 -11.53 6.35
C THR B 213 21.10 -12.17 5.07
N PRO B 214 21.92 -13.02 4.43
CA PRO B 214 21.42 -13.74 3.24
C PRO B 214 20.22 -14.63 3.52
N GLU B 215 20.20 -15.36 4.65
CA GLU B 215 19.06 -16.24 4.93
C GLU B 215 17.77 -15.43 5.09
N LEU B 216 17.87 -14.22 5.63
CA LEU B 216 16.68 -13.39 5.79
C LEU B 216 16.11 -12.97 4.44
N LEU B 217 16.97 -12.73 3.44
CA LEU B 217 16.55 -12.15 2.17
C LEU B 217 16.21 -13.16 1.09
N HIS B 218 16.45 -14.45 1.31
CA HIS B 218 16.32 -15.41 0.22
C HIS B 218 14.87 -15.46 -0.29
N ASN B 219 14.71 -15.32 -1.61
CA ASN B 219 13.44 -15.29 -2.36
C ASN B 219 12.59 -14.05 -2.09
N VAL B 220 13.02 -13.14 -1.21
CA VAL B 220 12.22 -11.94 -0.93
C VAL B 220 12.04 -11.10 -2.20
N ASP B 221 13.10 -10.98 -3.01
CA ASP B 221 13.00 -10.23 -4.27
C ASP B 221 12.00 -10.86 -5.22
N LYS B 222 11.98 -12.20 -5.30
CA LYS B 222 11.07 -12.88 -6.21
C LYS B 222 9.62 -12.71 -5.80
N PHE B 223 9.33 -12.83 -4.50
CA PHE B 223 7.96 -12.61 -4.03
C PHE B 223 7.45 -11.24 -4.47
N VAL B 224 8.26 -10.21 -4.27
CA VAL B 224 7.81 -8.84 -4.53
C VAL B 224 7.66 -8.62 -6.03
N SER B 225 8.66 -9.05 -6.80
CA SER B 225 8.63 -8.85 -8.23
C SER B 225 7.37 -9.49 -8.85
N ALA B 226 6.97 -10.65 -8.34
CA ALA B 226 5.80 -11.29 -8.94
C ALA B 226 4.48 -10.63 -8.52
N CYS B 227 4.52 -9.64 -7.61
CA CYS B 227 3.30 -8.89 -7.29
C CYS B 227 2.93 -7.87 -8.36
N GLN B 228 3.82 -7.57 -9.32
CA GLN B 228 3.50 -6.55 -10.32
C GLN B 228 2.45 -7.09 -11.28
N THR B 229 1.44 -6.27 -11.59
CA THR B 229 0.32 -6.67 -12.44
C THR B 229 0.48 -6.11 -13.86
N TYR B 230 -0.44 -6.53 -14.74
CA TYR B 230 -0.45 -6.04 -16.11
C TYR B 230 -0.69 -4.53 -16.19
N GLU B 231 -1.22 -3.91 -15.13
CA GLU B 231 -1.40 -2.46 -15.14
C GLU B 231 -0.11 -1.70 -14.83
N GLY B 232 0.90 -2.35 -14.23
CA GLY B 232 2.15 -1.70 -13.91
C GLY B 232 2.36 -1.47 -12.42
N GLY B 233 1.29 -1.32 -11.65
CA GLY B 233 1.39 -1.27 -10.20
C GLY B 233 1.51 -2.67 -9.60
N PHE B 234 1.46 -2.73 -8.27
CA PHE B 234 1.66 -3.99 -7.56
C PHE B 234 0.44 -4.37 -6.72
N ALA B 235 0.19 -5.67 -6.64
CA ALA B 235 -0.87 -6.23 -5.80
C ALA B 235 -0.33 -6.58 -4.41
N CYS B 236 -1.22 -7.07 -3.54
CA CYS B 236 -0.86 -7.35 -2.15
C CYS B 236 0.17 -8.47 -2.02
N ALA B 237 0.12 -9.47 -2.89
CA ALA B 237 0.89 -10.69 -2.70
C ALA B 237 0.94 -11.46 -4.01
N SER B 238 1.84 -12.44 -4.06
CA SER B 238 1.90 -13.38 -5.18
C SER B 238 1.80 -14.81 -4.63
N PHE B 239 1.21 -15.73 -5.45
CA PHE B 239 0.99 -17.12 -5.02
C PHE B 239 2.05 -18.01 -5.65
N PRO B 240 2.78 -18.82 -4.87
CA PRO B 240 3.77 -19.72 -5.46
C PRO B 240 3.16 -21.06 -5.84
N PHE B 241 3.06 -21.35 -7.12
CA PHE B 241 2.62 -22.67 -7.55
C PHE B 241 3.80 -23.64 -7.51
N PRO B 242 3.65 -24.82 -6.92
CA PRO B 242 4.80 -25.71 -6.73
C PRO B 242 5.22 -26.39 -8.02
N SER B 243 6.35 -27.10 -7.94
CA SER B 243 6.93 -27.74 -9.12
C SER B 243 6.01 -28.81 -9.70
N VAL B 244 5.19 -29.43 -8.86
CA VAL B 244 4.30 -30.55 -9.26
C VAL B 244 2.82 -30.17 -9.18
N VAL B 245 2.24 -29.90 -10.35
CA VAL B 245 0.83 -29.55 -10.71
C VAL B 245 -0.14 -29.92 -9.59
N PRO B 246 -0.83 -31.07 -9.66
CA PRO B 246 -1.70 -31.49 -8.57
C PRO B 246 -0.73 -31.95 -7.48
N SER B 247 -0.79 -31.31 -6.32
CA SER B 247 0.13 -31.54 -5.19
C SER B 247 -0.66 -31.97 -3.96
N THR B 248 -0.03 -32.73 -3.05
CA THR B 248 -0.71 -33.13 -1.80
C THR B 248 -0.72 -31.94 -0.84
N SER B 249 0.12 -30.93 -1.09
CA SER B 249 0.22 -29.72 -0.26
C SER B 249 0.25 -28.46 -1.13
N ALA B 250 -0.40 -27.40 -0.68
CA ALA B 250 -0.32 -26.09 -1.32
C ALA B 250 0.48 -25.07 -0.50
N PHE B 251 1.20 -25.52 0.53
CA PHE B 251 2.02 -24.62 1.33
C PHE B 251 3.20 -24.11 0.52
N PRO B 252 3.57 -22.82 0.67
CA PRO B 252 4.67 -22.24 -0.13
C PRO B 252 5.97 -23.04 -0.07
N THR B 253 6.68 -23.04 -1.20
CA THR B 253 7.94 -23.74 -1.38
C THR B 253 8.99 -22.77 -1.92
N SER B 254 10.26 -23.15 -1.76
CA SER B 254 11.37 -22.26 -2.11
C SER B 254 11.78 -22.31 -3.58
N GLU B 255 11.17 -23.21 -4.37
CA GLU B 255 11.48 -23.36 -5.80
C GLU B 255 10.21 -23.59 -6.60
N PRO B 256 9.29 -22.61 -6.62
CA PRO B 256 8.02 -22.80 -7.33
C PRO B 256 8.20 -22.81 -8.83
N SER B 257 7.24 -23.45 -9.52
CA SER B 257 7.25 -23.42 -10.98
C SER B 257 6.93 -22.03 -11.51
N CYS B 258 6.04 -21.29 -10.84
CA CYS B 258 5.75 -19.90 -11.21
C CYS B 258 5.06 -19.21 -10.05
N ARG B 259 4.97 -17.87 -10.16
CA ARG B 259 4.29 -17.03 -9.19
C ARG B 259 3.29 -16.12 -9.90
N VAL B 260 2.14 -15.91 -9.29
CA VAL B 260 1.06 -15.16 -9.91
C VAL B 260 0.56 -14.13 -8.90
N SER B 261 0.33 -12.89 -9.37
CA SER B 261 -0.17 -11.84 -8.49
C SER B 261 -1.63 -12.10 -8.15
N MET B 262 -2.04 -11.71 -6.94
CA MET B 262 -3.30 -12.18 -6.39
CA MET B 262 -3.29 -12.16 -6.35
C MET B 262 -4.41 -11.12 -6.33
N ALA B 263 -4.19 -9.91 -6.82
CA ALA B 263 -5.28 -8.93 -6.85
C ALA B 263 -4.86 -7.77 -7.74
N GLU B 264 -5.64 -6.69 -7.74
CA GLU B 264 -5.29 -5.60 -8.66
C GLU B 264 -4.21 -4.69 -8.06
N ALA B 265 -3.56 -3.92 -8.93
CA ALA B 265 -2.59 -2.92 -8.50
C ALA B 265 -3.24 -1.91 -7.57
N HIS B 266 -2.59 -1.63 -6.44
CA HIS B 266 -3.08 -0.63 -5.49
C HIS B 266 -1.95 0.28 -5.03
N GLY B 267 -2.29 1.56 -4.79
CA GLY B 267 -1.27 2.50 -4.37
C GLY B 267 -0.56 2.08 -3.09
N GLY B 268 -1.29 1.52 -2.13
CA GLY B 268 -0.65 1.10 -0.89
C GLY B 268 0.34 -0.03 -1.08
N TYR B 269 -0.02 -1.01 -1.91
CA TYR B 269 0.87 -2.15 -2.18
C TYR B 269 1.94 -1.79 -3.20
N THR B 270 1.66 -0.84 -4.09
CA THR B 270 2.67 -0.35 -5.01
C THR B 270 3.76 0.42 -4.27
N SER B 271 3.36 1.25 -3.30
CA SER B 271 4.34 1.92 -2.45
C SER B 271 5.20 0.92 -1.70
N CYS B 272 4.58 -0.09 -1.08
CA CYS B 272 5.36 -1.08 -0.33
C CYS B 272 6.31 -1.86 -1.24
N SER B 273 5.84 -2.19 -2.45
CA SER B 273 6.64 -3.00 -3.38
C SER B 273 7.81 -2.21 -3.95
N LEU B 274 7.57 -0.99 -4.45
CA LEU B 274 8.68 -0.16 -4.94
C LEU B 274 9.70 0.10 -3.84
N ASN B 275 9.24 0.42 -2.64
CA ASN B 275 10.15 0.72 -1.54
C ASN B 275 10.96 -0.51 -1.14
N SER B 276 10.30 -1.68 -1.04
CA SER B 276 11.01 -2.92 -0.75
C SER B 276 12.05 -3.24 -1.82
N HIS B 277 11.63 -3.21 -3.09
CA HIS B 277 12.57 -3.45 -4.17
C HIS B 277 13.75 -2.49 -4.10
N PHE B 278 13.48 -1.21 -3.83
CA PHE B 278 14.58 -0.25 -3.77
C PHE B 278 15.56 -0.60 -2.66
N LEU B 279 15.06 -0.99 -1.48
CA LEU B 279 15.95 -1.36 -0.39
C LEU B 279 16.78 -2.59 -0.75
N LEU B 280 16.22 -3.51 -1.53
CA LEU B 280 16.95 -4.72 -1.92
C LEU B 280 18.08 -4.43 -2.91
N THR B 281 17.94 -3.38 -3.74
CA THR B 281 18.99 -3.08 -4.71
C THR B 281 20.30 -2.67 -4.05
N SER B 282 20.29 -2.34 -2.76
CA SER B 282 21.54 -2.03 -2.06
C SER B 282 22.31 -3.29 -1.65
N VAL B 283 21.68 -4.46 -1.66
CA VAL B 283 22.25 -5.64 -1.04
C VAL B 283 23.15 -6.34 -2.06
N PRO B 284 24.43 -6.57 -1.76
CA PRO B 284 25.35 -7.20 -2.74
C PRO B 284 25.26 -8.72 -2.77
N LEU B 285 24.12 -9.23 -3.24
CA LEU B 285 24.03 -10.65 -3.48
C LEU B 285 24.07 -10.92 -4.98
N PRO B 286 24.54 -12.09 -5.40
CA PRO B 286 24.65 -12.37 -6.84
C PRO B 286 23.29 -12.43 -7.52
N SER B 287 23.18 -11.73 -8.66
CA SER B 287 21.95 -11.66 -9.46
C SER B 287 20.73 -11.40 -8.59
N PHE B 288 20.82 -10.36 -7.76
CA PHE B 288 19.82 -10.03 -6.77
C PHE B 288 19.80 -8.51 -6.70
N PRO B 289 18.62 -7.88 -6.63
CA PRO B 289 17.26 -8.46 -6.64
C PRO B 289 16.73 -8.73 -8.05
N LEU B 290 15.88 -9.75 -8.22
CA LEU B 290 15.18 -9.92 -9.50
C LEU B 290 14.52 -8.59 -9.90
N SER B 291 14.59 -8.27 -11.19
CA SER B 291 14.18 -6.93 -11.62
C SER B 291 12.66 -6.80 -11.66
N ILE B 292 12.20 -5.55 -11.69
CA ILE B 292 10.80 -5.23 -11.95
C ILE B 292 10.74 -4.43 -13.24
N ASP B 293 9.53 -4.25 -13.76
CA ASP B 293 9.29 -3.38 -14.91
C ASP B 293 9.08 -1.96 -14.38
N ALA B 294 10.18 -1.18 -14.32
CA ALA B 294 10.14 0.15 -13.72
C ALA B 294 9.31 1.13 -14.57
N ASN B 295 9.43 1.04 -15.90
CA ASN B 295 8.67 1.94 -16.76
C ASN B 295 7.18 1.73 -16.60
N ALA B 296 6.73 0.47 -16.49
CA ALA B 296 5.32 0.21 -16.28
C ALA B 296 4.85 0.74 -14.94
N ALA B 297 5.72 0.66 -13.92
CA ALA B 297 5.33 1.17 -12.60
C ALA B 297 5.27 2.69 -12.60
N LEU B 298 6.18 3.36 -13.31
CA LEU B 298 6.09 4.81 -13.41
C LEU B 298 4.82 5.22 -14.16
N ARG B 299 4.51 4.53 -15.27
CA ARG B 299 3.30 4.82 -16.03
C ARG B 299 2.05 4.66 -15.16
N TRP B 300 1.97 3.54 -14.41
CA TRP B 300 0.83 3.35 -13.52
C TRP B 300 0.73 4.49 -12.49
N THR B 301 1.87 4.87 -11.91
CA THR B 301 1.89 5.93 -10.91
C THR B 301 1.26 7.22 -11.44
N VAL B 302 1.74 7.70 -12.60
CA VAL B 302 1.25 8.99 -13.09
C VAL B 302 -0.19 8.89 -13.55
N LEU B 303 -0.63 7.72 -14.03
CA LEU B 303 -2.01 7.60 -14.48
C LEU B 303 -3.02 7.70 -13.34
N GLN B 304 -2.59 7.52 -12.08
CA GLN B 304 -3.51 7.63 -10.95
C GLN B 304 -3.73 9.06 -10.49
N GLN B 305 -3.09 10.06 -11.10
CA GLN B 305 -3.36 11.43 -10.68
C GLN B 305 -4.65 11.93 -11.31
N GLY B 306 -5.55 12.45 -10.48
CA GLY B 306 -6.87 12.83 -10.94
C GLY B 306 -6.87 14.03 -11.89
N GLU B 307 -8.02 14.20 -12.55
CA GLU B 307 -8.28 15.28 -13.48
C GLU B 307 -8.49 16.60 -12.74
N PRO B 308 -8.46 17.74 -13.45
CA PRO B 308 -8.70 19.02 -12.77
C PRO B 308 -10.01 19.07 -12.00
N ILE B 309 -11.08 18.47 -12.53
CA ILE B 309 -12.36 18.51 -11.84
C ILE B 309 -12.31 17.79 -10.49
N GLU B 310 -11.40 16.82 -10.32
CA GLU B 310 -11.20 16.18 -9.03
C GLU B 310 -10.00 16.74 -8.29
N GLY B 311 -9.54 17.93 -8.67
CA GLY B 311 -8.55 18.64 -7.88
C GLY B 311 -7.13 18.14 -7.96
N GLY B 312 -6.83 17.18 -8.84
CA GLY B 312 -5.46 16.72 -8.98
C GLY B 312 -4.93 15.84 -7.86
N GLY B 313 -5.80 15.35 -6.96
CA GLY B 313 -5.38 14.33 -6.02
C GLY B 313 -5.18 12.98 -6.69
N PHE B 314 -4.59 12.03 -5.97
CA PHE B 314 -4.35 10.68 -6.49
C PHE B 314 -5.44 9.74 -6.01
N ARG B 315 -5.81 8.80 -6.87
CA ARG B 315 -6.64 7.68 -6.48
C ARG B 315 -5.76 6.47 -6.17
N GLY B 316 -6.34 5.48 -5.51
CA GLY B 316 -5.58 4.31 -5.08
C GLY B 316 -5.58 3.18 -6.10
N ARG B 317 -6.56 3.18 -7.01
CA ARG B 317 -6.61 2.18 -8.07
C ARG B 317 -7.54 2.68 -9.18
N THR B 318 -7.34 2.11 -10.36
CA THR B 318 -8.11 2.48 -11.54
C THR B 318 -9.62 2.44 -11.27
N ASN B 319 -10.30 3.51 -11.67
CA ASN B 319 -11.76 3.63 -11.64
C ASN B 319 -12.33 3.69 -10.22
N LYS B 320 -11.49 3.96 -9.21
CA LYS B 320 -11.92 4.32 -7.86
C LYS B 320 -11.72 5.83 -7.65
N LEU B 321 -11.84 6.30 -6.39
CA LEU B 321 -11.91 7.74 -6.12
C LEU B 321 -10.59 8.32 -5.62
N VAL B 322 -10.36 9.60 -5.92
CA VAL B 322 -9.21 10.29 -5.36
C VAL B 322 -9.36 10.37 -3.84
N ASP B 323 -8.22 10.48 -3.16
CA ASP B 323 -8.18 10.40 -1.69
C ASP B 323 -6.83 10.97 -1.25
N GLY B 324 -6.87 11.92 -0.31
CA GLY B 324 -5.65 12.60 0.09
C GLY B 324 -4.54 11.68 0.59
N CYS B 325 -4.88 10.54 1.21
CA CYS B 325 -3.80 9.72 1.76
C CYS B 325 -2.91 9.14 0.66
N TYR B 326 -3.43 8.97 -0.56
CA TYR B 326 -2.61 8.48 -1.66
C TYR B 326 -1.63 9.52 -2.18
N SER B 327 -1.68 10.76 -1.66
CA SER B 327 -0.57 11.67 -1.92
C SER B 327 0.74 11.06 -1.46
N TRP B 328 0.75 10.39 -0.30
CA TRP B 328 1.97 9.70 0.13
C TRP B 328 2.13 8.37 -0.60
N TRP B 329 1.10 7.53 -0.59
CA TRP B 329 1.30 6.15 -1.07
C TRP B 329 1.62 6.12 -2.56
N VAL B 330 0.95 6.94 -3.36
CA VAL B 330 1.24 6.96 -4.79
C VAL B 330 2.24 8.05 -5.14
N GLY B 331 2.01 9.28 -4.66
CA GLY B 331 2.95 10.35 -4.94
C GLY B 331 4.35 10.07 -4.42
N GLY B 332 4.43 9.51 -3.22
CA GLY B 332 5.72 9.17 -2.63
C GLY B 332 6.43 8.01 -3.29
N GLY B 333 5.74 7.23 -4.12
CA GLY B 333 6.43 6.23 -4.91
C GLY B 333 7.05 6.79 -6.18
N ALA B 334 6.62 7.98 -6.60
CA ALA B 334 7.10 8.52 -7.87
C ALA B 334 8.62 8.70 -7.91
N PRO B 335 9.29 9.26 -6.88
CA PRO B 335 10.76 9.37 -6.97
C PRO B 335 11.47 8.02 -7.00
N VAL B 336 10.90 7.00 -6.37
CA VAL B 336 11.50 5.66 -6.41
C VAL B 336 11.39 5.08 -7.81
N ALA B 337 10.18 5.12 -8.39
CA ALA B 337 10.01 4.64 -9.76
C ALA B 337 10.88 5.42 -10.72
N GLU B 338 10.96 6.74 -10.54
CA GLU B 338 11.77 7.56 -11.44
C GLU B 338 13.25 7.17 -11.36
N GLU B 339 13.77 6.87 -10.17
CA GLU B 339 15.17 6.49 -10.05
C GLU B 339 15.43 5.13 -10.69
N LEU B 340 14.50 4.18 -10.53
CA LEU B 340 14.66 2.86 -11.14
C LEU B 340 14.62 2.95 -12.66
N VAL B 341 13.74 3.78 -13.22
CA VAL B 341 13.77 4.05 -14.65
C VAL B 341 15.11 4.64 -15.07
N ARG B 342 15.63 5.59 -14.28
CA ARG B 342 16.91 6.19 -14.64
C ARG B 342 18.02 5.16 -14.71
N ARG B 343 18.03 4.20 -13.79
CA ARG B 343 19.07 3.16 -13.80
C ARG B 343 18.91 2.23 -15.01
N GLU B 344 17.67 1.89 -15.38
CA GLU B 344 17.45 1.04 -16.55
C GLU B 344 18.00 1.69 -17.81
N LYS B 345 17.71 2.98 -18.00
CA LYS B 345 18.25 3.68 -19.17
C LYS B 345 19.77 3.70 -19.15
N SER B 346 20.35 3.98 -17.98
CA SER B 346 21.80 3.94 -17.85
C SER B 346 22.37 2.57 -18.20
N ARG B 347 21.69 1.50 -17.80
CA ARG B 347 22.23 0.17 -18.01
C ARG B 347 22.19 -0.26 -19.47
N LYS B 348 21.19 0.19 -20.23
CA LYS B 348 21.07 -0.26 -21.62
C LYS B 348 22.03 0.46 -22.56
N VAL B 349 22.60 1.58 -22.14
CA VAL B 349 23.51 2.32 -23.00
C VAL B 349 24.97 2.02 -22.65
N ILE B 371 15.19 18.48 -16.87
CA ILE B 371 14.26 17.35 -16.93
C ILE B 371 12.99 17.71 -16.15
N PRO B 372 11.83 17.52 -16.78
CA PRO B 372 10.57 17.99 -16.19
C PRO B 372 10.11 17.08 -15.07
N PRO B 373 9.28 17.59 -14.16
CA PRO B 373 8.70 16.74 -13.12
C PRO B 373 7.83 15.65 -13.71
N ILE B 374 7.65 14.58 -12.95
CA ILE B 374 7.03 13.38 -13.50
C ILE B 374 5.54 13.31 -13.19
N PHE B 375 5.11 13.96 -12.10
CA PHE B 375 3.68 14.16 -11.85
C PHE B 375 3.44 15.65 -11.61
N ASN B 376 2.18 16.05 -11.58
CA ASN B 376 1.83 17.47 -11.46
C ASN B 376 2.01 17.89 -10.01
N ARG B 377 3.23 18.36 -9.70
CA ARG B 377 3.58 18.75 -8.35
C ARG B 377 2.72 19.91 -7.85
N VAL B 378 2.24 20.76 -8.77
CA VAL B 378 1.46 21.92 -8.36
C VAL B 378 0.04 21.51 -8.00
N ALA B 379 -0.60 20.71 -8.87
CA ALA B 379 -1.97 20.28 -8.63
C ALA B 379 -2.11 19.47 -7.35
N LEU B 380 -1.12 18.61 -7.05
CA LEU B 380 -1.18 17.83 -5.82
C LEU B 380 -1.20 18.73 -4.58
N GLN B 381 -0.38 19.80 -4.59
CA GLN B 381 -0.43 20.73 -3.48
C GLN B 381 -1.79 21.44 -3.39
N GLU B 382 -2.33 21.84 -4.53
CA GLU B 382 -3.66 22.46 -4.53
C GLU B 382 -4.72 21.52 -3.97
N PHE B 383 -4.64 20.23 -4.28
CA PHE B 383 -5.57 19.29 -3.66
C PHE B 383 -5.42 19.29 -2.15
N THR B 384 -4.18 19.25 -1.66
CA THR B 384 -3.94 19.23 -0.23
C THR B 384 -4.51 20.46 0.46
N LEU B 385 -4.23 21.64 -0.11
CA LEU B 385 -4.60 22.92 0.54
C LEU B 385 -6.08 23.19 0.48
N VAL B 386 -6.70 22.94 -0.68
CA VAL B 386 -8.08 23.30 -0.96
C VAL B 386 -9.06 22.22 -0.48
N ALA B 387 -8.79 20.95 -0.75
CA ALA B 387 -9.78 19.90 -0.51
C ALA B 387 -9.52 19.05 0.72
N ALA B 388 -8.26 18.83 1.10
CA ALA B 388 -7.94 17.86 2.14
C ALA B 388 -7.88 18.43 3.54
N GLN B 389 -7.85 19.75 3.70
CA GLN B 389 -7.86 20.35 5.03
C GLN B 389 -9.28 20.38 5.57
N GLN B 390 -9.43 20.13 6.87
CA GLN B 390 -10.70 20.39 7.51
C GLN B 390 -11.09 21.85 7.30
N ASP B 391 -12.39 22.11 7.21
CA ASP B 391 -12.86 23.49 7.04
C ASP B 391 -12.34 24.35 8.19
N PRO B 392 -12.02 25.62 7.93
CA PRO B 392 -11.36 26.44 8.97
C PRO B 392 -12.27 26.70 10.16
N GLY B 393 -11.64 26.96 11.30
CA GLY B 393 -12.36 27.34 12.50
C GLY B 393 -12.99 26.18 13.23
N SER B 394 -12.41 24.99 13.12
CA SER B 394 -13.04 23.75 13.54
C SER B 394 -11.95 22.90 14.20
N THR B 395 -12.15 21.57 14.21
CA THR B 395 -11.22 20.63 14.84
C THR B 395 -9.81 20.67 14.24
N GLY B 396 -9.64 21.16 13.02
CA GLY B 396 -8.39 20.96 12.31
C GLY B 396 -8.22 19.50 11.85
N GLY B 397 -7.05 19.22 11.29
CA GLY B 397 -6.74 17.91 10.75
C GLY B 397 -7.02 17.85 9.26
N LEU B 398 -6.43 16.86 8.61
CA LEU B 398 -6.62 16.65 7.17
C LEU B 398 -7.41 15.36 6.94
N ARG B 399 -7.97 15.23 5.76
CA ARG B 399 -8.92 14.14 5.49
C ARG B 399 -8.76 13.53 4.10
N ASP B 400 -9.56 12.51 3.88
CA ASP B 400 -9.66 11.79 2.61
C ASP B 400 -10.12 12.77 1.52
N LYS B 401 -11.31 13.29 1.70
CA LYS B 401 -11.97 14.18 0.73
C LYS B 401 -13.01 15.03 1.45
N PRO B 402 -13.57 16.05 0.81
CA PRO B 402 -14.68 16.78 1.39
C PRO B 402 -15.83 15.83 1.75
N GLY B 403 -16.41 16.04 2.91
CA GLY B 403 -17.50 15.17 3.36
C GLY B 403 -17.01 14.10 4.32
N LYS B 404 -15.71 14.00 4.54
CA LYS B 404 -15.18 12.98 5.43
C LYS B 404 -14.55 13.65 6.64
N ARG B 405 -14.72 13.05 7.82
CA ARG B 405 -14.06 13.55 9.01
C ARG B 405 -12.54 13.41 8.89
N PRO B 406 -11.77 14.37 9.37
CA PRO B 406 -10.31 14.20 9.41
C PRO B 406 -9.91 13.20 10.48
N ASP B 407 -8.73 12.60 10.30
CA ASP B 407 -8.19 11.66 11.27
C ASP B 407 -6.67 11.70 11.23
N GLN B 408 -6.05 11.06 12.23
CA GLN B 408 -4.59 11.10 12.32
C GLN B 408 -3.91 10.45 11.11
N TYR B 409 -4.51 9.38 10.57
CA TYR B 409 -3.91 8.69 9.43
C TYR B 409 -3.90 9.54 8.17
N HIS B 410 -5.02 10.23 7.88
CA HIS B 410 -5.01 11.12 6.73
C HIS B 410 -4.18 12.38 6.98
N THR B 411 -4.03 12.78 8.24
CA THR B 411 -3.18 13.94 8.52
C THR B 411 -1.74 13.62 8.18
N CYS B 412 -1.24 12.47 8.65
CA CYS B 412 0.13 12.08 8.37
C CYS B 412 0.38 11.91 6.87
N ASN B 413 -0.51 11.21 6.18
CA ASN B 413 -0.21 10.84 4.80
C ASN B 413 -0.50 11.97 3.82
N ASN B 414 -1.51 12.81 4.08
CA ASN B 414 -1.62 14.05 3.33
C ASN B 414 -0.33 14.86 3.43
N LEU B 415 0.19 15.04 4.65
CA LEU B 415 1.36 15.91 4.82
C LEU B 415 2.61 15.26 4.24
N SER B 416 2.78 13.95 4.39
CA SER B 416 3.93 13.28 3.78
C SER B 416 3.92 13.45 2.26
N GLY B 417 2.74 13.34 1.64
CA GLY B 417 2.66 13.51 0.19
C GLY B 417 2.87 14.96 -0.22
N LEU B 418 2.29 15.91 0.54
CA LEU B 418 2.57 17.32 0.29
C LEU B 418 4.07 17.59 0.30
N SER B 419 4.80 16.95 1.22
CA SER B 419 6.24 17.18 1.32
C SER B 419 6.97 16.74 0.04
N ILE B 420 6.60 15.57 -0.50
CA ILE B 420 7.21 15.08 -1.73
C ILE B 420 6.88 15.98 -2.91
N ALA B 421 5.68 16.58 -2.92
CA ALA B 421 5.33 17.50 -4.00
C ALA B 421 6.11 18.82 -3.87
N GLN B 422 6.30 19.31 -2.65
CA GLN B 422 6.99 20.58 -2.44
C GLN B 422 8.48 20.50 -2.76
N HIS B 423 9.12 19.39 -2.38
CA HIS B 423 10.56 19.24 -2.48
C HIS B 423 10.91 18.13 -3.47
N LYS B 424 11.75 18.47 -4.45
CA LYS B 424 12.19 17.56 -5.49
C LYS B 424 13.23 16.62 -4.93
N MET B 425 12.88 15.35 -4.73
CA MET B 425 13.77 14.37 -4.13
C MET B 425 14.40 13.48 -5.20
N SER B 426 15.68 13.17 -5.04
CA SER B 426 16.28 12.19 -5.93
C SER B 426 17.35 11.43 -5.18
N HIS B 427 17.68 10.25 -5.69
CA HIS B 427 18.72 9.42 -5.11
C HIS B 427 20.01 9.72 -5.86
N SER B 428 21.01 10.25 -5.15
CA SER B 428 22.15 10.86 -5.80
C SER B 428 23.35 9.90 -5.83
N PRO B 429 23.76 9.40 -6.99
CA PRO B 429 24.95 8.53 -7.04
C PRO B 429 26.20 9.15 -6.44
N SER B 430 26.40 10.46 -6.60
CA SER B 430 27.61 11.08 -6.04
C SER B 430 27.52 11.18 -4.52
N THR B 431 26.31 11.38 -3.99
CA THR B 431 26.15 11.33 -2.54
C THR B 431 26.43 9.94 -2.00
N VAL B 432 25.96 8.90 -2.70
CA VAL B 432 26.26 7.53 -2.28
C VAL B 432 27.77 7.28 -2.33
N SER B 433 28.44 7.77 -3.36
CA SER B 433 29.90 7.63 -3.44
C SER B 433 30.58 8.29 -2.25
N SER B 434 30.17 9.52 -1.90
CA SER B 434 30.75 10.18 -0.74
C SER B 434 30.51 9.37 0.53
N ASN B 435 29.31 8.82 0.68
CA ASN B 435 29.01 7.98 1.84
C ASN B 435 29.96 6.80 1.93
N ARG B 436 30.19 6.09 0.81
CA ARG B 436 31.14 4.99 0.79
C ARG B 436 32.53 5.42 1.23
N LEU B 437 32.96 6.61 0.79
CA LEU B 437 34.30 7.09 1.13
C LEU B 437 34.45 7.37 2.62
N LYS B 438 33.36 7.70 3.31
CA LYS B 438 33.46 8.02 4.73
C LYS B 438 33.11 6.86 5.65
N PHE B 439 32.58 5.76 5.13
CA PHE B 439 32.17 4.64 6.00
C PHE B 439 33.36 4.03 6.72
N ASP B 440 33.17 3.72 8.00
CA ASP B 440 34.18 3.10 8.86
C ASP B 440 33.73 1.67 9.19
N ALA B 441 34.26 0.68 8.46
CA ALA B 441 33.82 -0.69 8.66
C ALA B 441 34.39 -1.30 9.94
N SER B 442 35.35 -0.66 10.62
CA SER B 442 35.84 -1.19 11.89
C SER B 442 34.93 -0.85 13.06
N LYS B 443 33.88 -0.08 12.85
CA LYS B 443 32.91 0.22 13.90
C LYS B 443 31.58 -0.47 13.60
N GLY B 444 30.95 -1.02 14.65
CA GLY B 444 29.63 -1.61 14.48
C GLY B 444 29.22 -2.35 15.73
N LEU B 445 27.95 -2.71 15.76
CA LEU B 445 27.40 -3.55 16.82
C LEU B 445 27.66 -5.01 16.48
N PRO B 446 27.51 -5.93 17.44
CA PRO B 446 27.81 -7.35 17.15
C PRO B 446 26.95 -7.90 16.01
N ALA B 447 27.58 -8.73 15.19
CA ALA B 447 26.87 -9.41 14.12
C ALA B 447 25.73 -10.27 14.67
N VAL B 448 24.59 -10.28 13.98
CA VAL B 448 23.54 -11.21 14.37
C VAL B 448 24.03 -12.64 14.12
N LYS B 449 23.57 -13.57 14.96
CA LYS B 449 23.86 -14.97 14.79
C LYS B 449 22.76 -15.62 13.95
N PRO B 450 23.06 -16.15 12.77
CA PRO B 450 22.00 -16.69 11.92
C PRO B 450 21.34 -17.91 12.54
N VAL B 451 20.09 -18.16 12.13
CA VAL B 451 19.37 -19.33 12.63
C VAL B 451 19.96 -20.61 12.05
N ALA B 452 20.28 -20.61 10.74
CA ALA B 452 20.93 -21.78 10.16
C ALA B 452 22.43 -21.56 10.05
N PRO B 453 23.23 -22.62 10.19
CA PRO B 453 24.69 -22.42 10.27
C PRO B 453 25.28 -21.67 9.08
N GLY B 454 24.88 -22.00 7.86
CA GLY B 454 25.37 -21.26 6.70
C GLY B 454 24.58 -20.02 6.31
N GLY B 455 23.76 -19.50 7.22
CA GLY B 455 22.81 -18.43 6.88
C GLY B 455 23.37 -17.02 6.86
N GLY B 456 24.58 -16.81 7.36
CA GLY B 456 25.18 -15.49 7.41
C GLY B 456 25.99 -15.19 6.16
N TRP B 457 26.66 -14.03 6.19
CA TRP B 457 27.60 -13.68 5.13
C TRP B 457 28.79 -14.63 5.16
N LYS B 458 29.42 -14.80 4.00
CA LYS B 458 30.46 -15.82 3.82
C LYS B 458 31.66 -15.53 4.71
N ASN B 459 32.05 -14.26 4.81
CA ASN B 459 33.18 -13.88 5.63
C ASN B 459 33.02 -12.40 5.99
N GLU B 460 34.03 -11.87 6.67
CA GLU B 460 33.96 -10.51 7.18
C GLU B 460 34.12 -9.46 6.07
N ASP B 461 34.92 -9.76 5.04
CA ASP B 461 34.96 -8.86 3.88
C ASP B 461 33.59 -8.72 3.24
N GLU B 462 32.86 -9.83 3.06
CA GLU B 462 31.53 -9.77 2.47
C GLU B 462 30.55 -9.01 3.37
N ARG B 463 30.58 -9.30 4.67
CA ARG B 463 29.63 -8.65 5.58
C ARG B 463 29.88 -7.15 5.64
N GLN B 464 31.15 -6.73 5.73
CA GLN B 464 31.46 -5.31 5.79
C GLN B 464 31.13 -4.60 4.49
N ASN B 465 31.33 -5.27 3.35
CA ASN B 465 30.92 -4.68 2.08
C ASN B 465 29.41 -4.48 2.04
N ALA B 466 28.64 -5.45 2.53
CA ALA B 466 27.18 -5.32 2.61
C ALA B 466 26.77 -4.16 3.52
N ARG B 467 27.36 -4.08 4.72
CA ARG B 467 27.05 -2.98 5.63
C ARG B 467 27.30 -1.63 4.95
N ARG B 468 28.45 -1.49 4.28
CA ARG B 468 28.79 -0.23 3.62
C ARG B 468 27.74 0.15 2.58
N GLU B 469 27.38 -0.80 1.70
CA GLU B 469 26.43 -0.50 0.62
C GLU B 469 25.05 -0.15 1.16
N ILE B 470 24.58 -0.91 2.15
CA ILE B 470 23.23 -0.71 2.66
C ILE B 470 23.13 0.62 3.40
N TRP B 471 24.15 0.93 4.20
CA TRP B 471 24.20 2.22 4.89
C TRP B 471 24.32 3.36 3.89
N ALA B 472 25.24 3.25 2.93
CA ALA B 472 25.54 4.38 2.07
C ALA B 472 24.37 4.72 1.15
N ASN B 473 23.62 3.70 0.73
CA ASN B 473 22.46 3.92 -0.11
C ASN B 473 21.25 4.39 0.69
N ALA B 474 21.10 3.91 1.93
CA ALA B 474 20.03 4.41 2.77
C ALA B 474 20.14 5.91 2.98
N LEU B 475 21.36 6.46 2.95
CA LEU B 475 21.59 7.89 3.15
C LEU B 475 21.85 8.63 1.83
N GLY B 476 21.35 8.09 0.70
CA GLY B 476 21.59 8.68 -0.60
C GLY B 476 20.53 9.61 -1.16
N TRP B 477 19.40 9.79 -0.46
CA TRP B 477 18.35 10.66 -0.94
C TRP B 477 18.67 12.12 -0.59
N ILE B 478 18.52 13.02 -1.55
CA ILE B 478 18.78 14.44 -1.36
C ILE B 478 17.60 15.24 -1.90
N GLU B 479 17.47 16.46 -1.40
CA GLU B 479 16.59 17.45 -2.01
C GLU B 479 17.37 18.25 -3.04
N GLU B 480 16.87 18.29 -4.26
CA GLU B 480 17.61 18.96 -5.34
C GLU B 480 17.57 20.47 -5.17
N GLU B 481 18.75 21.09 -5.24
CA GLU B 481 18.87 22.54 -5.11
C GLU B 481 18.07 23.24 -6.20
N GLY B 482 17.23 24.17 -5.80
CA GLY B 482 16.42 24.92 -6.74
C GLY B 482 15.20 24.19 -7.27
N GLY B 483 14.94 22.97 -6.82
CA GLY B 483 13.76 22.24 -7.26
C GLY B 483 12.52 22.46 -6.42
N GLU B 484 12.59 23.35 -5.42
CA GLU B 484 11.47 23.56 -4.53
C GLU B 484 10.31 24.24 -5.25
N ILE B 485 9.08 23.79 -4.98
CA ILE B 485 7.87 24.47 -5.44
C ILE B 485 6.90 24.52 -4.26
N ILE B 486 6.67 25.71 -3.70
CA ILE B 486 5.77 25.89 -2.57
C ILE B 486 4.55 26.65 -3.05
N VAL B 487 3.48 25.94 -3.39
CA VAL B 487 2.25 26.56 -3.87
C VAL B 487 1.65 27.42 -2.76
N GLY B 488 1.27 28.65 -3.12
CA GLY B 488 0.62 29.54 -2.17
C GLY B 488 1.52 30.37 -1.28
N GLY B 489 2.84 30.24 -1.42
CA GLY B 489 3.76 31.07 -0.67
C GLY B 489 4.51 30.26 0.39
N LYS B 490 5.61 30.85 0.88
CA LYS B 490 6.53 30.12 1.73
C LYS B 490 5.95 29.74 3.08
N ASP B 491 4.89 30.43 3.55
CA ASP B 491 4.28 30.01 4.80
C ASP B 491 3.61 28.64 4.69
N ASN B 492 3.40 28.11 3.47
CA ASN B 492 2.89 26.77 3.31
C ASN B 492 3.97 25.69 3.37
N ARG B 493 5.24 26.06 3.39
CA ARG B 493 6.32 25.07 3.33
C ARG B 493 6.30 24.15 4.56
N ILE B 494 6.45 22.85 4.34
CA ILE B 494 6.68 21.93 5.43
C ILE B 494 8.05 21.26 5.24
N ASN B 495 8.46 20.48 6.23
CA ASN B 495 9.77 19.88 6.17
C ASN B 495 9.81 18.75 5.13
N THR B 496 11.03 18.30 4.84
CA THR B 496 11.31 17.36 3.76
C THR B 496 11.33 15.94 4.32
N THR B 497 10.44 15.08 3.82
CA THR B 497 10.51 13.68 4.25
C THR B 497 11.42 12.90 3.30
N THR B 498 11.81 11.75 3.77
CA THR B 498 12.69 10.90 2.98
C THR B 498 11.82 9.90 2.23
N PRO B 499 12.01 9.71 0.92
CA PRO B 499 11.39 8.64 0.20
C PRO B 499 11.90 7.30 0.77
N VAL B 500 11.08 6.27 0.69
CA VAL B 500 11.34 4.90 1.22
C VAL B 500 11.10 4.83 2.74
N PHE B 501 11.76 5.64 3.58
CA PHE B 501 11.53 5.48 5.01
C PHE B 501 10.34 6.27 5.53
N ASN B 502 10.03 7.43 4.93
CA ASN B 502 9.05 8.41 5.42
C ASN B 502 9.33 8.88 6.86
N ILE B 503 10.58 9.26 7.11
CA ILE B 503 10.90 10.13 8.24
C ILE B 503 11.82 11.22 7.71
N LEU B 504 11.89 12.33 8.46
CA LEU B 504 12.77 13.42 8.06
C LEU B 504 14.21 12.92 7.97
N GLY B 505 14.94 13.45 6.99
CA GLY B 505 16.35 13.13 6.88
C GLY B 505 17.15 13.45 8.13
N LEU B 506 16.77 14.50 8.85
CA LEU B 506 17.47 14.86 10.08
C LEU B 506 17.17 13.90 11.23
N ARG B 507 16.14 13.06 11.10
CA ARG B 507 15.96 11.92 12.02
C ARG B 507 16.67 10.66 11.53
N LEU B 508 16.56 10.37 10.23
CA LEU B 508 17.14 9.16 9.66
C LEU B 508 18.65 9.08 9.92
N LYS B 509 19.37 10.17 9.62
CA LYS B 509 20.83 10.12 9.67
C LYS B 509 21.38 9.81 11.07
N PRO B 510 21.02 10.53 12.15
CA PRO B 510 21.56 10.14 13.47
C PRO B 510 21.07 8.78 13.95
N PHE B 511 19.88 8.36 13.52
CA PHE B 511 19.36 7.05 13.94
C PHE B 511 20.13 5.91 13.30
N ILE B 512 20.24 5.90 11.98
CA ILE B 512 20.96 4.82 11.34
C ILE B 512 22.45 4.89 11.68
N ASN B 513 22.99 6.10 11.91
CA ASN B 513 24.39 6.19 12.31
C ASN B 513 24.61 5.58 13.70
N TYR B 514 23.63 5.68 14.58
CA TYR B 514 23.78 5.07 15.90
C TYR B 514 23.94 3.56 15.78
N PHE B 515 23.14 2.92 14.93
CA PHE B 515 23.18 1.46 14.88
C PHE B 515 24.34 0.92 14.07
N TYR B 516 24.88 1.70 13.13
CA TYR B 516 26.08 1.30 12.44
C TYR B 516 27.35 1.86 13.08
N CYS B 517 27.23 2.57 14.22
CA CYS B 517 28.37 3.16 14.94
C CYS B 517 29.20 4.08 14.06
N GLN B 518 28.53 4.87 13.23
CA GLN B 518 29.17 5.89 12.41
C GLN B 518 28.95 7.27 13.05
N GLU B 519 29.77 8.23 12.63
CA GLU B 519 29.66 9.61 13.16
C GLU B 519 30.45 10.63 12.33
C1 EDO C . -11.77 -2.57 2.21
O1 EDO C . -13.20 -2.67 2.12
C2 EDO C . -11.17 -3.23 0.98
O2 EDO C . -11.69 -2.59 -0.18
C1 EDO D . -4.01 -3.36 10.22
O1 EDO D . -4.87 -4.47 10.54
C2 EDO D . -4.70 -2.40 9.26
O2 EDO D . -6.10 -2.44 9.55
C1 EDO E . -13.44 -6.12 4.74
O1 EDO E . -14.67 -6.74 4.37
C2 EDO E . -13.51 -4.61 4.61
O2 EDO E . -12.56 -4.05 5.53
C1 EDO F . -6.51 -3.30 27.12
O1 EDO F . -6.44 -3.59 25.72
C2 EDO F . -7.93 -2.88 27.51
O2 EDO F . -8.13 -3.13 28.90
C1 EDO G . -5.62 -15.37 -23.81
O1 EDO G . -4.90 -16.47 -24.38
C2 EDO G . -7.09 -15.73 -23.64
O2 EDO G . -7.22 -16.88 -22.80
C1 EDO H . -5.63 -13.30 12.54
O1 EDO H . -6.67 -13.82 11.68
C2 EDO H . -4.60 -12.52 11.73
O2 EDO H . -3.68 -11.89 12.63
C1 EDO I . -19.21 -3.98 -20.39
O1 EDO I . -20.25 -3.36 -19.62
C2 EDO I . -18.17 -2.91 -20.74
O2 EDO I . -16.87 -3.49 -20.87
C1 EDO J . 2.43 16.76 -15.14
O1 EDO J . 2.56 18.01 -14.46
C2 EDO J . 3.59 15.81 -14.89
O2 EDO J . 3.29 14.53 -15.45
C1 EDO K . -5.78 -26.56 -13.37
O1 EDO K . -7.10 -26.61 -12.83
C2 EDO K . -4.93 -25.67 -12.46
O2 EDO K . -3.58 -25.62 -12.92
C1 EDO L . -20.64 -4.25 -10.18
O1 EDO L . -21.92 -4.36 -9.57
C2 EDO L . -20.22 -5.56 -10.83
O2 EDO L . -18.94 -5.37 -11.43
C1 EDO M . -19.07 -28.51 18.68
O1 EDO M . -17.85 -27.96 18.15
C2 EDO M . -19.73 -29.44 17.68
O2 EDO M . -18.72 -30.13 16.93
C1 EDO N . -9.54 8.38 -20.46
O1 EDO N . -10.82 7.92 -20.05
C2 EDO N . -8.91 7.42 -21.46
O2 EDO N . -7.84 8.11 -22.13
C1 EDO O . -5.40 9.09 -18.60
O1 EDO O . -6.42 8.41 -17.86
C2 EDO O . -5.93 9.44 -19.99
O2 EDO O . -7.08 10.26 -19.86
C1 EDO P . -17.49 -24.90 3.19
O1 EDO P . -16.37 -25.69 3.59
C2 EDO P . -17.26 -24.39 1.77
O2 EDO P . -17.21 -25.46 0.80
C1 EDO Q . -20.97 -20.91 3.57
O1 EDO Q . -20.47 -20.45 4.82
C2 EDO Q . -19.82 -21.01 2.57
O2 EDO Q . -18.86 -21.98 3.01
C1 EDO R . -16.00 -27.65 -8.47
O1 EDO R . -15.88 -26.46 -7.68
C2 EDO R . -14.73 -27.92 -9.27
O2 EDO R . -13.66 -28.46 -8.49
C1 EDO S . -17.12 -15.09 29.07
O1 EDO S . -17.75 -16.37 29.10
C2 EDO S . -18.17 -13.98 29.20
O2 EDO S . -19.19 -14.36 30.13
C1 EDO T . -16.34 -29.80 21.85
O1 EDO T . -16.97 -29.57 20.58
C2 EDO T . -15.11 -30.67 21.64
O2 EDO T . -14.13 -30.32 22.63
C1 EDO U . -22.68 -11.38 -7.97
O1 EDO U . -22.93 -12.78 -7.83
C2 EDO U . -23.70 -10.56 -7.17
O2 EDO U . -23.16 -10.14 -5.91
C1 EDO V . -20.30 -25.15 -10.34
O1 EDO V . -19.86 -24.56 -11.58
C2 EDO V . -19.40 -26.32 -9.98
O2 EDO V . -19.16 -27.20 -11.09
ZN ZN W . -7.54 7.60 2.56
OAA 3FX X . 7.08 35.63 -0.50
OAB 3FX X . 6.11 33.36 -0.45
OAC 3FX X . 4.77 33.46 2.74
OAD 3FX X . 7.43 34.34 1.40
CAE 3FX X . -0.78 35.79 6.10
CAF 3FX X . 0.08 36.82 5.34
CAG 3FX X . -1.09 34.54 5.26
CAH 3FX X . 1.33 36.20 4.70
CAI 3FX X . 0.19 33.91 4.71
CAJ 3FX X . 2.99 35.14 2.67
CAK 3FX X . 4.79 35.19 0.97
NAL 3FX X . 2.31 34.26 3.60
CAM 3FX X . 4.46 34.79 2.41
CAN 3FX X . 1.04 34.90 3.93
SAO 3FX X . 6.38 34.60 0.34
OAA 3FX Y . -5.33 28.76 10.72
OAB 3FX Y . -3.78 27.20 11.83
OAC 3FX Y . -6.37 30.44 12.43
OAD 3FX Y . -3.04 29.36 10.85
CAE 3FX Y . -6.09 35.96 15.98
CAF 3FX Y . -7.42 35.23 16.06
CAG 3FX Y . -4.90 35.02 16.21
CAH 3FX Y . -7.47 33.99 15.15
CAI 3FX Y . -4.95 33.84 15.25
CAJ 3FX Y . -5.83 30.78 14.73
CAK 3FX Y . -4.32 29.48 13.24
NAL 3FX Y . -6.29 32.07 14.25
CAM 3FX Y . -5.78 29.81 13.54
CAN 3FX Y . -6.27 33.07 15.32
SAO 3FX Y . -4.12 28.64 11.63
OAA 3FX Z . 8.86 -12.47 25.34
OAB 3FX Z . 7.11 -14.25 25.52
OAC 3FX Z . 5.28 -13.53 27.21
OAD 3FX Z . 8.22 -13.19 27.48
CAE 3FX Z . -1.20 -12.20 25.29
CAF 3FX Z . -0.95 -12.26 26.80
CAG 3FX Z . -0.11 -11.42 24.56
CAH 3FX Z . 0.44 -12.82 27.12
CAI 3FX Z . 1.30 -11.92 24.88
CAJ 3FX Z . 3.88 -12.05 25.97
CAK 3FX Z . 6.36 -11.68 26.11
NAL 3FX Z . 2.79 -12.77 26.59
CAM 3FX Z . 5.12 -12.18 26.87
CAN 3FX Z . 1.54 -12.05 26.38
SAO 3FX Z . 7.64 -12.96 26.10
C10 XMV AA . -8.29 1.37 6.96
C13 XMV AA . -8.61 3.93 4.48
C20 XMV AA . -5.57 2.05 3.94
C21 XMV AA . -4.58 1.29 4.58
C22 XMV AA . -4.78 -0.06 4.84
C24 XMV AA . -6.96 0.07 3.83
C28 XMV AA . -3.55 1.49 8.38
C01 XMV AA . -7.90 6.47 11.34
C02 XMV AA . -8.52 5.31 10.56
C03 XMV AA . -7.85 5.11 9.20
C04 XMV AA . -8.35 3.86 8.44
C05 XMV AA . -7.46 3.56 7.13
C06 XMV AA . -6.09 3.16 7.56
C08 XMV AA . -7.07 0.88 7.85
C12 XMV AA . -9.09 3.01 5.63
C14 XMV AA . -8.64 5.31 4.51
C16 XMV AA . -7.79 4.68 2.61
C18 XMV AA . -7.89 2.19 2.84
C19 XMV AA . -6.76 1.43 3.57
C23 XMV AA . -5.97 -0.67 4.48
C25 XMV AA . -3.70 -0.89 5.55
C27 XMV AA . -4.82 1.44 8.93
C29 XMV AA . -2.42 1.14 9.11
C30 XMV AA . -2.60 0.71 10.42
C31 XMV AA . -3.87 0.65 10.98
C32 XMV AA . -4.99 1.01 10.23
C34 XMV AA . -0.85 2.14 7.55
F35 XMV AA . -1.31 3.37 7.92
F36 XMV AA . -1.41 1.80 6.37
F37 XMV AA . 0.50 2.20 7.37
N07 XMV AA . -5.97 1.83 8.12
N11 XMV AA . -8.05 2.58 6.30
N15 XMV AA . -8.14 5.74 3.37
N17 XMV AA . -8.08 3.57 3.31
N26 XMV AA . -2.90 -1.50 6.07
O09 XMV AA . -7.04 -0.24 8.29
O33 XMV AA . -1.13 1.18 8.54
C1 FPP BA . -8.25 -0.79 -0.18
O1 FPP BA . -9.11 -0.14 0.73
C2 FPP BA . -6.77 -0.74 0.28
C3 FPP BA . -6.11 -1.78 0.82
C4 FPP BA . -6.77 -3.15 1.02
C5 FPP BA . -4.63 -1.64 1.25
C6 FPP BA . -4.09 -0.20 1.18
C7 FPP BA . -2.70 -0.11 1.88
C8 FPP BA . -2.14 1.07 2.17
C10 FPP BA . -2.83 2.39 1.79
C9 FPP BA . -0.78 1.21 2.86
C11 FPP BA . -0.14 -0.06 3.42
C12 FPP BA . 1.29 0.28 3.89
C13 FPP BA . 1.80 -0.03 5.08
C14 FPP BA . 1.02 -0.81 6.16
C15 FPP BA . 3.25 0.38 5.38
PA FPP BA . -10.45 0.73 0.26
O1A FPP BA . -11.19 1.06 1.52
O2A FPP BA . -11.28 -0.09 -0.73
O3A FPP BA . -9.99 2.12 -0.44
PB FPP BA . -9.88 2.46 -2.04
O1B FPP BA . -11.29 2.66 -2.54
O2B FPP BA . -9.16 1.39 -2.80
O3B FPP BA . -9.08 3.77 -2.11
C1 EDO CA . -1.47 -4.63 13.24
O1 EDO CA . -2.56 -4.35 14.14
C2 EDO CA . -1.32 -3.46 12.27
O2 EDO CA . -1.15 -2.23 12.99
C1 EDO DA . -3.65 -8.67 2.21
O1 EDO DA . -3.20 -9.98 2.60
C2 EDO DA . -4.76 -8.68 1.15
O2 EDO DA . -5.27 -7.34 0.93
C1 EDO EA . 24.39 -5.78 6.40
O1 EDO EA . 23.86 -7.08 6.08
C2 EDO EA . 23.30 -4.89 7.00
O2 EDO EA . 22.72 -5.56 8.12
C1 EDO FA . -1.57 -15.46 3.94
O1 EDO FA . -2.15 -14.22 3.48
C2 EDO FA . -2.02 -16.68 3.14
O2 EDO FA . -1.27 -16.83 1.92
C1 EDO GA . 22.17 -8.15 19.63
O1 EDO GA . 21.14 -8.05 20.60
C2 EDO GA . 23.42 -8.79 20.23
O2 EDO GA . 24.14 -7.80 20.98
C1 EDO HA . 6.08 -14.34 -12.15
O1 EDO HA . 6.19 -13.05 -12.75
C2 EDO HA . 7.12 -15.32 -12.73
O2 EDO HA . 6.85 -16.62 -12.18
C1 EDO IA . 12.71 18.77 18.36
O1 EDO IA . 12.56 17.36 18.36
C2 EDO IA . 14.18 19.13 18.51
O2 EDO IA . 14.34 19.96 19.66
C1 EDO JA . 25.30 -7.88 8.99
O1 EDO JA . 26.05 -6.87 9.70
C2 EDO JA . 24.71 -8.94 9.93
O2 EDO JA . 24.41 -8.37 11.22
C1 EDO KA . -3.01 29.99 7.73
O1 EDO KA . -3.15 31.07 8.66
C2 EDO KA . -2.37 30.46 6.43
O2 EDO KA . -1.03 30.96 6.62
C1 EDO LA . 9.57 14.12 -5.71
O1 EDO LA . 10.13 14.69 -4.53
C2 EDO LA . 9.25 15.21 -6.72
O2 EDO LA . 9.67 14.70 -7.99
C1 EDO MA . 16.14 13.88 2.78
O1 EDO MA . 16.68 12.67 3.33
C2 EDO MA . 14.88 14.27 3.58
O2 EDO MA . 15.16 15.37 4.46
C1 EDO NA . 6.16 -13.94 17.39
O1 EDO NA . 5.78 -14.41 18.69
C2 EDO NA . 7.22 -14.81 16.77
O2 EDO NA . 6.63 -15.93 16.10
C1 EDO OA . 26.08 -12.23 9.07
O1 EDO OA . 25.77 -11.85 10.42
C2 EDO OA . 27.53 -12.67 8.92
O2 EDO OA . 27.80 -13.86 9.65
C1 EDO PA . 17.39 14.57 15.75
O1 EDO PA . 18.24 14.62 14.60
C2 EDO PA . 16.95 13.15 16.10
O2 EDO PA . 18.07 12.32 16.46
C1 EDO QA . -21.13 13.05 -15.36
O1 EDO QA . -21.50 11.67 -15.39
C2 EDO QA . -22.08 13.84 -14.48
O2 EDO QA . -21.41 15.03 -14.05
C1 EDO RA . -12.55 22.28 -9.99
O1 EDO RA . -13.39 22.34 -11.14
C2 EDO RA . -11.22 22.93 -10.32
O2 EDO RA . -11.39 24.25 -10.87
C1 EDO SA . 13.62 20.11 5.41
O1 EDO SA . 14.87 20.39 4.74
C2 EDO SA . 13.82 19.34 6.71
O2 EDO SA . 13.41 17.97 6.60
C1 EDO TA . 1.38 34.16 -0.10
O1 EDO TA . 0.21 34.84 0.36
C2 EDO TA . 1.96 34.79 -1.37
O2 EDO TA . 2.22 36.19 -1.22
C1 EDO UA . 13.62 19.72 23.34
O1 EDO UA . 12.54 19.94 22.41
C2 EDO UA . 14.73 18.86 22.72
O2 EDO UA . 14.35 17.47 22.68
C1 EDO VA . 32.62 6.64 11.63
O1 EDO VA . 32.17 7.87 11.05
C2 EDO VA . 34.05 6.79 12.13
O2 EDO VA . 34.10 6.48 13.53
C1 EDO WA . 31.78 0.24 17.43
O1 EDO WA . 32.86 -0.68 17.28
C2 EDO WA . 32.07 1.27 18.51
O2 EDO WA . 32.06 2.60 17.97
C1 EDO XA . 32.66 11.62 -3.87
O1 EDO XA . 33.08 10.37 -4.43
C2 EDO XA . 31.51 12.21 -4.68
O2 EDO XA . 31.39 11.51 -5.93
C1 EDO YA . 32.50 -3.92 13.24
O1 EDO YA . 33.26 -5.08 12.91
C2 EDO YA . 31.27 -3.86 12.32
O2 EDO YA . 30.43 -5.00 12.53
C1 EDO ZA . -4.54 -13.61 0.74
O1 EDO ZA . -5.88 -13.12 0.79
C2 EDO ZA . -3.87 -13.16 -0.55
O2 EDO ZA . -3.08 -14.24 -1.04
C1 EDO AB . 5.44 -19.36 7.61
O1 EDO AB . 4.02 -19.45 7.43
C2 EDO AB . 5.79 -18.81 8.99
O2 EDO AB . 6.44 -19.83 9.75
C1 EDO BB . 33.11 5.12 -4.08
O1 EDO BB . 33.02 6.29 -3.25
C2 EDO BB . 31.90 5.01 -5.00
O2 EDO BB . 32.23 4.24 -6.15
C1 EDO CB . 11.64 -20.27 6.05
O1 EDO CB . 12.06 -20.51 4.70
C2 EDO CB . 12.86 -20.09 6.95
O2 EDO CB . 12.43 -19.93 8.32
#